data_1Z9C
#
_entry.id   1Z9C
#
_cell.length_a   81.899
_cell.length_b   80.960
_cell.length_c   109.340
_cell.angle_alpha   90.00
_cell.angle_beta   100.20
_cell.angle_gamma   90.00
#
_symmetry.space_group_name_H-M   'P 1 21 1'
#
loop_
_entity.id
_entity.type
_entity.pdbx_description
1 polymer 'DNA (29-MER)'
2 polymer 'DNA (29-MER)'
3 polymer 'Organic hydroperoxide resistance transcriptional regulator'
4 water water
#
loop_
_entity_poly.entity_id
_entity_poly.type
_entity_poly.pdbx_seq_one_letter_code
_entity_poly.pdbx_strand_id
1 'polydeoxyribonucleotide'
;(DT)(DA)(DC)(DA)(DA)(DT)(DT)(DT)(DA)(DA)(DT)(DT)(DG)(DT)(DA)(DT)(DA)(DC)(DA)(DA)
(DT)(DT)(DT)(DA)(DA)(DT)(DT)(DG)(DT)
;
G,I,K
2 'polydeoxyribonucleotide'
;(DT)(DA)(DC)(DA)(DA)(DT)(DT)(DA)(DA)(DA)(DT)(DT)(DG)(DT)(DA)(DT)(DA)(DC)(DA)(DA)
(DT)(DT)(DA)(DA)(DA)(DT)(DT)(DG)(DT)
;
H,J,L
3 'polypeptide(L)'
;MENKFDHMKLENQLSFLLYASSREMTKQYKPLLDKLNITYPQYLALLLLWEHETLTVKKMGEQLYLDSGTLTPMLKRMEQ
QGLITRKRSEEDERSVLISLTEDGALLKEKAVDIPGTILGLSKQSGEDLKQLKSALYTLLETLHQKN
;
A,B,C,D,E,F
#
# COMPACT_ATOMS: atom_id res chain seq x y z
N LYS G 9 22.65 -18.76 -12.36
CA LYS G 9 22.68 -17.32 -12.71
C LYS G 9 23.36 -16.51 -11.60
N LEU G 10 22.99 -15.23 -11.50
CA LEU G 10 23.56 -14.35 -10.49
C LEU G 10 22.46 -13.51 -9.87
N GLU G 11 21.54 -13.03 -10.70
CA GLU G 11 20.45 -12.21 -10.22
C GLU G 11 19.43 -13.03 -9.45
N ASN G 12 19.69 -14.33 -9.33
CA ASN G 12 18.78 -15.22 -8.60
C ASN G 12 19.29 -15.50 -7.18
N GLN G 13 20.34 -14.77 -6.80
CA GLN G 13 20.92 -14.94 -5.47
C GLN G 13 20.50 -13.79 -4.56
N LEU G 14 19.71 -14.11 -3.55
CA LEU G 14 19.24 -13.12 -2.62
C LEU G 14 20.36 -12.22 -2.09
N SER G 15 21.52 -12.80 -1.80
CA SER G 15 22.63 -12.00 -1.27
C SER G 15 23.07 -10.98 -2.32
N PHE G 16 23.22 -11.41 -3.57
CA PHE G 16 23.63 -10.48 -4.59
C PHE G 16 22.65 -9.32 -4.62
N LEU G 17 21.37 -9.63 -4.80
CA LEU G 17 20.32 -8.63 -4.86
C LEU G 17 20.52 -7.57 -3.79
N LEU G 18 20.46 -7.98 -2.52
CA LEU G 18 20.66 -7.06 -1.42
C LEU G 18 21.93 -6.22 -1.65
N TYR G 19 22.97 -6.89 -2.11
CA TYR G 19 24.24 -6.25 -2.36
C TYR G 19 24.23 -5.22 -3.50
N ALA G 20 23.71 -5.57 -4.68
CA ALA G 20 23.72 -4.61 -5.77
C ALA G 20 22.63 -3.54 -5.63
N SER G 21 21.49 -3.89 -5.06
CA SER G 21 20.45 -2.90 -4.93
C SER G 21 20.89 -1.85 -3.93
N SER G 22 21.53 -2.28 -2.84
CA SER G 22 22.01 -1.35 -1.81
C SER G 22 23.04 -0.38 -2.36
N ARG G 23 23.90 -0.86 -3.26
CA ARG G 23 24.91 0.02 -3.81
C ARG G 23 24.31 1.00 -4.81
N GLU G 24 23.14 0.66 -5.37
CA GLU G 24 22.47 1.52 -6.32
C GLU G 24 21.73 2.64 -5.56
N MET G 25 21.06 2.25 -4.48
CA MET G 25 20.35 3.18 -3.62
C MET G 25 21.35 4.28 -3.24
N THR G 26 22.50 3.86 -2.77
CA THR G 26 23.54 4.78 -2.36
C THR G 26 23.84 5.77 -3.48
N LYS G 27 23.94 5.30 -4.72
CA LYS G 27 24.21 6.21 -5.83
C LYS G 27 23.09 7.24 -6.01
N GLN G 28 21.89 6.88 -5.56
CA GLN G 28 20.76 7.78 -5.67
C GLN G 28 20.84 8.92 -4.65
N TYR G 29 21.45 8.64 -3.50
CA TYR G 29 21.65 9.64 -2.44
C TYR G 29 22.82 10.59 -2.74
N LYS G 30 23.70 10.17 -3.65
CA LYS G 30 24.90 10.95 -3.97
C LYS G 30 24.67 12.41 -4.31
N PRO G 31 23.72 12.69 -5.21
CA PRO G 31 23.50 14.11 -5.54
C PRO G 31 23.02 14.87 -4.30
N LEU G 32 22.03 14.30 -3.64
CA LEU G 32 21.47 14.89 -2.45
C LEU G 32 22.49 15.10 -1.35
N LEU G 33 23.20 14.03 -0.97
CA LEU G 33 24.17 14.13 0.10
C LEU G 33 25.34 15.04 -0.23
N ASP G 34 25.66 15.20 -1.49
CA ASP G 34 26.76 16.10 -1.84
C ASP G 34 26.34 17.50 -1.40
N LYS G 35 25.04 17.76 -1.44
CA LYS G 35 24.47 19.02 -1.03
C LYS G 35 24.96 19.33 0.37
N LEU G 36 24.65 18.42 1.29
CA LEU G 36 25.02 18.58 2.70
C LEU G 36 26.50 18.28 2.92
N ASN G 37 27.20 17.99 1.85
CA ASN G 37 28.62 17.70 1.95
C ASN G 37 28.96 16.53 2.88
N ILE G 38 28.18 15.45 2.83
CA ILE G 38 28.45 14.27 3.64
C ILE G 38 28.28 12.99 2.82
N THR G 39 28.75 11.88 3.38
CA THR G 39 28.64 10.56 2.75
C THR G 39 27.40 9.85 3.32
N TYR G 40 26.96 8.80 2.65
CA TYR G 40 25.79 8.05 3.07
C TYR G 40 25.92 7.53 4.52
N PRO G 41 27.07 6.98 4.88
CA PRO G 41 27.21 6.49 6.27
C PRO G 41 27.20 7.64 7.29
N GLN G 42 27.90 8.74 6.99
CA GLN G 42 27.91 9.88 7.92
C GLN G 42 26.45 10.28 8.10
N TYR G 43 25.73 10.28 6.99
CA TYR G 43 24.32 10.61 6.97
C TYR G 43 23.55 9.73 7.93
N LEU G 44 23.84 8.43 7.92
CA LEU G 44 23.15 7.50 8.80
C LEU G 44 23.48 7.80 10.26
N ALA G 45 24.71 8.17 10.54
CA ALA G 45 25.07 8.51 11.91
C ALA G 45 24.32 9.79 12.35
N LEU G 46 24.05 10.67 11.40
CA LEU G 46 23.35 11.92 11.68
C LEU G 46 21.88 11.67 11.99
N LEU G 47 21.27 10.68 11.32
CA LEU G 47 19.88 10.35 11.57
C LEU G 47 19.71 9.96 13.03
N LEU G 48 20.77 9.38 13.60
CA LEU G 48 20.78 8.99 15.01
C LEU G 48 20.97 10.24 15.85
N LEU G 49 22.04 10.95 15.55
CA LEU G 49 22.35 12.16 16.28
C LEU G 49 21.17 13.14 16.31
N TRP G 50 20.41 13.23 15.22
CA TRP G 50 19.28 14.15 15.20
C TRP G 50 18.13 13.73 16.09
N GLU G 51 18.08 12.46 16.46
CA GLU G 51 17.01 12.00 17.33
C GLU G 51 17.56 11.97 18.74
N HIS G 52 18.88 12.04 18.84
CA HIS G 52 19.50 11.99 20.15
C HIS G 52 20.82 12.72 20.11
N GLU G 53 20.80 14.01 20.43
CA GLU G 53 21.98 14.86 20.42
C GLU G 53 23.31 14.21 20.78
N THR G 54 23.31 13.28 21.72
CA THR G 54 24.55 12.61 22.10
C THR G 54 24.39 11.10 22.17
N LEU G 55 25.48 10.38 21.90
CA LEU G 55 25.46 8.93 21.92
C LEU G 55 26.87 8.39 22.12
N THR G 56 26.97 7.27 22.81
CA THR G 56 28.26 6.64 23.01
C THR G 56 28.61 6.02 21.68
N VAL G 57 29.89 5.90 21.39
CA VAL G 57 30.28 5.29 20.13
C VAL G 57 29.66 3.89 20.05
N LYS G 58 29.63 3.22 21.20
CA LYS G 58 29.07 1.88 21.29
C LYS G 58 27.62 1.87 20.79
N LYS G 59 26.83 2.81 21.29
CA LYS G 59 25.44 2.88 20.87
C LYS G 59 25.30 3.03 19.37
N MET G 60 26.08 3.94 18.78
CA MET G 60 26.00 4.16 17.35
C MET G 60 26.27 2.85 16.62
N GLY G 61 27.40 2.22 16.94
CA GLY G 61 27.74 0.94 16.32
C GLY G 61 26.59 -0.06 16.39
N GLU G 62 26.06 -0.25 17.59
CA GLU G 62 24.94 -1.17 17.78
C GLU G 62 23.81 -0.92 16.79
N GLN G 63 23.37 0.33 16.69
CA GLN G 63 22.27 0.66 15.81
C GLN G 63 22.56 0.64 14.30
N LEU G 64 23.81 0.94 13.93
CA LEU G 64 24.20 0.96 12.53
C LEU G 64 24.84 -0.38 12.10
N TYR G 65 25.08 -1.25 13.07
CA TYR G 65 25.70 -2.55 12.83
C TYR G 65 27.10 -2.36 12.27
N LEU G 66 27.90 -1.52 12.92
CA LEU G 66 29.26 -1.30 12.47
C LEU G 66 30.04 -1.30 13.75
N ASP G 67 31.36 -1.30 13.65
CA ASP G 67 32.16 -1.29 14.87
C ASP G 67 33.20 -0.18 14.86
N SER G 68 33.94 -0.13 15.96
CA SER G 68 35.00 0.83 16.15
C SER G 68 35.90 0.90 14.92
N GLY G 69 35.97 -0.20 14.16
CA GLY G 69 36.82 -0.24 12.98
C GLY G 69 36.45 0.75 11.92
N THR G 70 35.15 1.02 11.83
CA THR G 70 34.65 1.97 10.85
C THR G 70 34.40 3.31 11.52
N LEU G 71 33.62 3.30 12.59
CA LEU G 71 33.27 4.52 13.31
C LEU G 71 34.43 5.38 13.74
N THR G 72 35.48 4.77 14.28
CA THR G 72 36.62 5.58 14.71
C THR G 72 37.10 6.54 13.63
N PRO G 73 37.44 6.03 12.44
CA PRO G 73 37.90 6.94 11.40
C PRO G 73 36.77 7.83 10.86
N MET G 74 35.57 7.27 10.72
CA MET G 74 34.46 8.04 10.19
C MET G 74 34.06 9.19 11.11
N LEU G 75 34.08 8.95 12.41
CA LEU G 75 33.70 9.98 13.36
C LEU G 75 34.78 11.04 13.40
N LYS G 76 36.02 10.65 13.10
CA LYS G 76 37.12 11.60 13.08
C LYS G 76 36.84 12.62 11.95
N ARG G 77 36.50 12.11 10.77
CA ARG G 77 36.22 12.97 9.64
C ARG G 77 35.08 13.93 9.96
N MET G 78 33.99 13.40 10.49
CA MET G 78 32.86 14.23 10.86
C MET G 78 33.27 15.32 11.84
N GLU G 79 34.15 14.96 12.79
CA GLU G 79 34.65 15.90 13.79
C GLU G 79 35.50 16.98 13.10
N GLN G 80 36.40 16.55 12.23
CA GLN G 80 37.26 17.48 11.53
C GLN G 80 36.45 18.39 10.61
N GLN G 81 35.23 17.97 10.32
CA GLN G 81 34.35 18.74 9.46
C GLN G 81 33.44 19.69 10.25
N GLY G 82 33.38 19.52 11.57
CA GLY G 82 32.58 20.37 12.43
C GLY G 82 31.16 19.93 12.70
N LEU G 83 30.78 18.75 12.23
CA LEU G 83 29.42 18.27 12.45
C LEU G 83 29.22 17.68 13.84
N ILE G 84 30.32 17.28 14.47
CA ILE G 84 30.23 16.67 15.80
C ILE G 84 31.44 16.98 16.64
N THR G 85 31.35 16.53 17.87
CA THR G 85 32.39 16.69 18.84
C THR G 85 32.47 15.36 19.61
N ARG G 86 33.63 15.03 20.15
CA ARG G 86 33.80 13.79 20.89
C ARG G 86 34.55 13.97 22.20
N LYS G 87 34.14 13.21 23.22
CA LYS G 87 34.82 13.26 24.50
C LYS G 87 34.62 11.97 25.25
N ARG G 88 35.54 11.66 26.16
CA ARG G 88 35.44 10.44 26.94
C ARG G 88 34.29 10.49 27.94
N SER G 89 33.60 9.38 28.12
CA SER G 89 32.52 9.32 29.09
C SER G 89 33.21 9.49 30.44
N GLU G 90 32.63 10.28 31.34
CA GLU G 90 33.24 10.50 32.65
C GLU G 90 32.72 9.50 33.70
N GLU G 91 31.63 8.83 33.37
CA GLU G 91 31.04 7.82 34.25
C GLU G 91 31.67 6.48 33.89
N ASP G 92 32.32 6.43 32.73
CA ASP G 92 32.97 5.24 32.25
C ASP G 92 34.04 5.61 31.24
N GLU G 93 35.22 5.98 31.76
CA GLU G 93 36.34 6.39 30.94
C GLU G 93 36.69 5.46 29.81
N ARG G 94 35.90 4.40 29.64
CA ARG G 94 36.15 3.44 28.59
C ARG G 94 35.47 3.81 27.28
N SER G 95 34.25 4.33 27.36
CA SER G 95 33.51 4.69 26.16
C SER G 95 33.66 6.17 25.80
N VAL G 96 33.31 6.50 24.55
CA VAL G 96 33.40 7.85 24.03
C VAL G 96 32.01 8.42 23.74
N LEU G 97 31.85 9.70 24.01
CA LEU G 97 30.59 10.37 23.78
C LEU G 97 30.65 11.22 22.51
N ILE G 98 29.69 11.03 21.62
CA ILE G 98 29.63 11.80 20.38
C ILE G 98 28.48 12.80 20.44
N SER G 99 28.77 14.08 20.23
CA SER G 99 27.73 15.10 20.30
C SER G 99 27.64 16.01 19.09
N LEU G 100 26.42 16.40 18.76
CA LEU G 100 26.16 17.31 17.64
C LEU G 100 26.69 18.71 17.94
N THR G 101 27.26 19.35 16.94
CA THR G 101 27.69 20.72 17.08
C THR G 101 26.46 21.47 16.56
N GLU G 102 26.43 22.79 16.69
CA GLU G 102 25.29 23.55 16.22
C GLU G 102 25.05 23.25 14.75
N ASP G 103 26.14 23.27 13.97
CA ASP G 103 26.04 22.98 12.54
C ASP G 103 25.37 21.63 12.34
N GLY G 104 25.96 20.61 12.94
CA GLY G 104 25.43 19.27 12.81
C GLY G 104 23.93 19.22 12.95
N ALA G 105 23.44 19.88 14.00
CA ALA G 105 22.02 19.91 14.29
C ALA G 105 21.25 20.70 13.24
N LEU G 106 21.81 21.83 12.81
CA LEU G 106 21.14 22.63 11.81
C LEU G 106 21.01 21.89 10.50
N LEU G 107 22.05 21.15 10.15
CA LEU G 107 22.08 20.41 8.90
C LEU G 107 20.84 19.57 8.68
N LYS G 108 20.13 19.26 9.76
CA LYS G 108 18.92 18.47 9.66
C LYS G 108 17.87 19.19 8.83
N GLU G 109 17.87 20.51 8.90
CA GLU G 109 16.87 21.32 8.18
C GLU G 109 17.03 21.13 6.68
N LYS G 110 18.28 20.96 6.25
CA LYS G 110 18.63 20.82 4.84
C LYS G 110 18.51 19.39 4.28
N ALA G 111 18.12 18.43 5.12
CA ALA G 111 18.00 17.04 4.66
C ALA G 111 16.57 16.52 4.71
N VAL G 112 15.61 17.40 5.00
CA VAL G 112 14.23 17.01 5.10
C VAL G 112 13.62 16.57 3.77
N ASP G 113 14.19 17.06 2.67
CA ASP G 113 13.68 16.69 1.35
C ASP G 113 14.08 15.28 0.91
N ILE G 114 15.05 14.66 1.57
CA ILE G 114 15.57 13.37 1.16
C ILE G 114 14.67 12.15 1.11
N PRO G 115 14.07 11.75 2.24
CA PRO G 115 13.21 10.57 2.19
C PRO G 115 12.20 10.63 1.03
N GLY G 116 11.42 11.69 1.00
CA GLY G 116 10.44 11.85 -0.05
C GLY G 116 11.05 11.75 -1.44
N THR G 117 12.24 12.33 -1.60
CA THR G 117 12.91 12.31 -2.90
C THR G 117 13.31 10.91 -3.33
N ILE G 118 13.87 10.16 -2.40
CA ILE G 118 14.31 8.79 -2.65
C ILE G 118 13.07 7.97 -2.95
N LEU G 119 12.02 8.17 -2.16
CA LEU G 119 10.77 7.45 -2.34
C LEU G 119 10.20 7.75 -3.73
N GLY G 120 10.36 8.99 -4.18
CA GLY G 120 9.86 9.36 -5.49
C GLY G 120 10.57 8.54 -6.56
N LEU G 121 11.55 7.76 -6.14
CA LEU G 121 12.33 6.90 -7.02
C LEU G 121 12.09 5.42 -6.74
N SER G 122 12.26 5.02 -5.49
CA SER G 122 12.07 3.62 -5.11
C SER G 122 10.64 3.14 -5.33
N LYS G 123 9.66 3.78 -4.68
CA LYS G 123 8.26 3.40 -4.80
C LYS G 123 7.85 3.35 -6.27
N GLN G 124 8.69 3.93 -7.12
CA GLN G 124 8.44 3.95 -8.56
C GLN G 124 8.49 2.51 -9.08
N SER G 125 8.61 1.57 -8.16
CA SER G 125 8.66 0.16 -8.50
C SER G 125 7.26 -0.33 -8.85
N GLY G 126 6.43 -0.54 -7.83
CA GLY G 126 5.06 -1.00 -8.06
C GLY G 126 4.37 -1.67 -6.89
N GLU G 127 5.11 -2.46 -6.12
CA GLU G 127 4.53 -3.17 -4.98
C GLU G 127 4.77 -2.41 -3.67
N ASP G 128 3.99 -2.74 -2.65
CA ASP G 128 4.12 -2.09 -1.34
C ASP G 128 5.51 -2.30 -0.77
N LEU G 129 6.26 -1.21 -0.65
CA LEU G 129 7.62 -1.26 -0.11
C LEU G 129 7.56 -1.42 1.40
N LYS G 130 6.38 -1.19 1.98
CA LYS G 130 6.20 -1.33 3.43
C LYS G 130 6.22 -2.81 3.73
N GLN G 131 6.11 -3.61 2.67
CA GLN G 131 6.13 -5.05 2.75
C GLN G 131 7.60 -5.46 2.76
N LEU G 132 8.32 -5.01 1.73
CA LEU G 132 9.74 -5.29 1.59
C LEU G 132 10.48 -4.89 2.84
N LYS G 133 10.17 -3.72 3.36
CA LYS G 133 10.82 -3.24 4.57
C LYS G 133 10.61 -4.26 5.70
N SER G 134 9.35 -4.64 5.93
CA SER G 134 8.99 -5.60 6.98
C SER G 134 9.84 -6.85 6.88
N ALA G 135 9.96 -7.38 5.66
CA ALA G 135 10.75 -8.57 5.44
C ALA G 135 12.18 -8.30 5.90
N LEU G 136 12.82 -7.31 5.30
CA LEU G 136 14.19 -6.97 5.64
C LEU G 136 14.44 -6.82 7.14
N TYR G 137 13.45 -6.37 7.89
CA TYR G 137 13.61 -6.24 9.35
C TYR G 137 13.85 -7.61 9.94
N THR G 138 12.99 -8.55 9.57
CA THR G 138 13.09 -9.92 10.05
C THR G 138 14.41 -10.53 9.57
N LEU G 139 14.62 -10.56 8.26
CA LEU G 139 15.85 -11.11 7.71
C LEU G 139 17.01 -10.58 8.53
N LEU G 140 16.96 -9.29 8.84
CA LEU G 140 18.00 -8.64 9.60
C LEU G 140 18.09 -9.19 11.01
N GLU G 141 16.95 -9.54 11.59
CA GLU G 141 16.93 -10.12 12.92
C GLU G 141 17.50 -11.53 12.84
N THR G 142 17.19 -12.22 11.75
CA THR G 142 17.67 -13.57 11.49
C THR G 142 19.19 -13.54 11.42
N LEU G 143 19.69 -12.95 10.34
CA LEU G 143 21.12 -12.85 10.09
C LEU G 143 21.90 -12.22 11.23
N HIS G 144 21.19 -11.71 12.23
CA HIS G 144 21.84 -11.07 13.37
C HIS G 144 21.53 -11.76 14.69
N GLN G 145 21.42 -13.09 14.66
CA GLN G 145 21.12 -13.87 15.86
C GLN G 145 19.78 -13.46 16.48
N MET H 8 11.90 10.73 10.83
CA MET H 8 13.18 10.54 10.10
C MET H 8 14.08 9.54 10.84
N LYS H 9 13.45 8.56 11.49
CA LYS H 9 14.16 7.54 12.27
C LYS H 9 14.89 6.54 11.38
N LEU H 10 16.18 6.36 11.66
CA LEU H 10 17.04 5.45 10.91
C LEU H 10 16.37 4.15 10.49
N GLU H 11 16.07 3.32 11.47
CA GLU H 11 15.44 2.02 11.25
C GLU H 11 14.25 2.01 10.30
N ASN H 12 13.75 3.18 9.92
CA ASN H 12 12.61 3.23 8.99
C ASN H 12 13.00 3.71 7.60
N GLN H 13 14.23 3.38 7.17
CA GLN H 13 14.71 3.77 5.85
C GLN H 13 15.08 2.52 5.03
N LEU H 14 14.37 2.27 3.94
CA LEU H 14 14.63 1.12 3.08
C LEU H 14 16.14 1.05 2.81
N SER H 15 16.69 2.22 2.50
CA SER H 15 18.09 2.40 2.20
C SER H 15 19.00 1.81 3.27
N PHE H 16 18.63 2.01 4.53
CA PHE H 16 19.41 1.50 5.64
C PHE H 16 19.29 0.00 5.76
N LEU H 17 18.06 -0.48 5.60
CA LEU H 17 17.77 -1.90 5.67
C LEU H 17 18.54 -2.73 4.62
N LEU H 18 18.60 -2.24 3.39
CA LEU H 18 19.34 -2.92 2.32
C LEU H 18 20.83 -2.95 2.70
N TYR H 19 21.32 -1.83 3.20
CA TYR H 19 22.69 -1.64 3.60
C TYR H 19 23.08 -2.52 4.79
N ALA H 20 22.23 -2.58 5.81
CA ALA H 20 22.56 -3.41 6.97
C ALA H 20 22.43 -4.88 6.62
N SER H 21 21.28 -5.27 6.08
CA SER H 21 21.03 -6.64 5.71
C SER H 21 22.11 -7.20 4.79
N SER H 22 22.54 -6.42 3.80
CA SER H 22 23.55 -6.89 2.86
C SER H 22 24.83 -7.26 3.58
N ARG H 23 25.34 -6.34 4.39
CA ARG H 23 26.56 -6.59 5.12
C ARG H 23 26.42 -7.71 6.15
N GLU H 24 25.18 -7.97 6.59
CA GLU H 24 24.97 -9.04 7.55
C GLU H 24 25.00 -10.36 6.82
N MET H 25 24.54 -10.35 5.57
CA MET H 25 24.55 -11.55 4.76
C MET H 25 26.02 -11.86 4.46
N THR H 26 26.78 -10.81 4.10
CA THR H 26 28.20 -10.97 3.78
C THR H 26 28.93 -11.60 4.98
N LYS H 27 28.48 -11.31 6.20
CA LYS H 27 29.11 -11.90 7.37
C LYS H 27 28.79 -13.39 7.44
N GLN H 28 27.66 -13.79 6.86
CA GLN H 28 27.29 -15.21 6.85
C GLN H 28 28.21 -15.99 5.90
N TYR H 29 28.61 -15.36 4.80
CA TYR H 29 29.50 -15.98 3.82
C TYR H 29 30.94 -16.13 4.28
N LYS H 30 31.38 -15.19 5.11
CA LYS H 30 32.76 -15.17 5.61
C LYS H 30 33.32 -16.54 6.02
N PRO H 31 32.60 -17.28 6.86
CA PRO H 31 33.12 -18.59 7.27
C PRO H 31 33.25 -19.55 6.08
N LEU H 32 32.28 -19.54 5.19
CA LEU H 32 32.31 -20.42 4.04
C LEU H 32 33.38 -20.01 3.02
N LEU H 33 33.44 -18.72 2.70
CA LEU H 33 34.40 -18.26 1.71
C LEU H 33 35.81 -18.26 2.23
N ASP H 34 35.96 -18.18 3.54
CA ASP H 34 37.30 -18.17 4.12
C ASP H 34 38.03 -19.46 3.80
N LYS H 35 37.29 -20.56 3.76
CA LYS H 35 37.85 -21.87 3.47
C LYS H 35 38.25 -22.03 2.01
N LEU H 36 37.85 -21.08 1.17
CA LEU H 36 38.20 -21.16 -0.26
C LEU H 36 39.18 -20.04 -0.57
N ASN H 37 39.57 -19.35 0.49
CA ASN H 37 40.52 -18.24 0.42
C ASN H 37 40.14 -17.12 -0.52
N ILE H 38 38.86 -16.76 -0.52
CA ILE H 38 38.40 -15.66 -1.33
C ILE H 38 37.40 -14.81 -0.54
N THR H 39 37.00 -13.68 -1.12
CA THR H 39 36.04 -12.80 -0.47
C THR H 39 34.73 -12.88 -1.22
N TYR H 40 33.68 -12.29 -0.65
CA TYR H 40 32.36 -12.31 -1.28
C TYR H 40 32.38 -11.72 -2.69
N PRO H 41 32.93 -10.50 -2.85
CA PRO H 41 32.97 -9.91 -4.19
C PRO H 41 33.76 -10.80 -5.17
N GLN H 42 34.80 -11.47 -4.67
CA GLN H 42 35.61 -12.35 -5.50
C GLN H 42 34.77 -13.52 -5.91
N TYR H 43 34.01 -14.03 -4.93
CA TYR H 43 33.10 -15.14 -5.15
C TYR H 43 32.14 -14.79 -6.27
N LEU H 44 31.65 -13.54 -6.28
CA LEU H 44 30.71 -13.13 -7.31
C LEU H 44 31.33 -13.14 -8.70
N ALA H 45 32.56 -12.65 -8.84
CA ALA H 45 33.18 -12.69 -10.15
C ALA H 45 33.35 -14.17 -10.57
N LEU H 46 33.82 -15.03 -9.67
CA LEU H 46 33.96 -16.45 -9.99
C LEU H 46 32.61 -17.04 -10.47
N LEU H 47 31.50 -16.64 -9.84
CA LEU H 47 30.20 -17.16 -10.25
C LEU H 47 29.99 -16.92 -11.73
N LEU H 48 30.39 -15.74 -12.18
CA LEU H 48 30.24 -15.40 -13.59
C LEU H 48 31.22 -16.20 -14.42
N LEU H 49 32.41 -16.43 -13.85
CA LEU H 49 33.44 -17.17 -14.58
C LEU H 49 33.21 -18.68 -14.66
N TRP H 50 32.62 -19.28 -13.62
CA TRP H 50 32.37 -20.71 -13.66
C TRP H 50 31.30 -21.00 -14.71
N GLU H 51 30.47 -20.01 -15.01
CA GLU H 51 29.44 -20.20 -16.01
C GLU H 51 29.84 -19.63 -17.37
N HIS H 52 31.03 -19.05 -17.46
CA HIS H 52 31.49 -18.50 -18.74
C HIS H 52 33.00 -18.29 -18.76
N GLU H 53 33.72 -19.32 -19.17
CA GLU H 53 35.18 -19.34 -19.24
C GLU H 53 35.89 -17.98 -19.39
N THR H 54 35.43 -17.14 -20.30
CA THR H 54 36.07 -15.83 -20.50
C THR H 54 35.08 -14.68 -20.57
N LEU H 55 35.43 -13.58 -19.90
CA LEU H 55 34.60 -12.38 -19.83
C LEU H 55 35.51 -11.19 -19.87
N THR H 56 35.06 -10.10 -20.46
CA THR H 56 35.90 -8.91 -20.49
C THR H 56 35.65 -8.18 -19.18
N VAL H 57 36.62 -7.41 -18.75
CA VAL H 57 36.46 -6.61 -17.55
C VAL H 57 35.12 -5.85 -17.60
N LYS H 58 34.83 -5.29 -18.77
CA LYS H 58 33.62 -4.55 -19.04
C LYS H 58 32.34 -5.35 -18.77
N LYS H 59 32.29 -6.59 -19.27
CA LYS H 59 31.10 -7.40 -19.04
C LYS H 59 30.95 -7.72 -17.57
N MET H 60 32.08 -7.92 -16.88
CA MET H 60 32.02 -8.20 -15.45
C MET H 60 31.47 -6.98 -14.73
N GLY H 61 31.99 -5.80 -15.10
CA GLY H 61 31.51 -4.56 -14.52
C GLY H 61 29.99 -4.46 -14.70
N GLU H 62 29.54 -4.67 -15.93
CA GLU H 62 28.12 -4.62 -16.19
C GLU H 62 27.33 -5.60 -15.34
N GLN H 63 27.70 -6.87 -15.38
CA GLN H 63 26.99 -7.87 -14.61
C GLN H 63 27.07 -7.66 -13.11
N LEU H 64 28.18 -7.10 -12.65
CA LEU H 64 28.40 -6.90 -11.22
C LEU H 64 28.01 -5.51 -10.68
N TYR H 65 27.76 -4.55 -11.57
CA TYR H 65 27.40 -3.20 -11.16
C TYR H 65 28.62 -2.58 -10.47
N LEU H 66 29.77 -2.70 -11.13
CA LEU H 66 31.04 -2.18 -10.64
C LEU H 66 31.81 -1.63 -11.81
N ASP H 67 32.94 -0.99 -11.55
CA ASP H 67 33.77 -0.45 -12.63
C ASP H 67 35.22 -0.72 -12.30
N SER H 68 36.10 -0.55 -13.29
CA SER H 68 37.51 -0.74 -13.04
C SER H 68 37.67 0.34 -12.00
N GLY H 69 38.26 0.01 -10.87
CA GLY H 69 38.36 1.03 -9.83
C GLY H 69 38.17 0.16 -8.62
N THR H 70 37.20 -0.73 -8.76
CA THR H 70 36.94 -1.74 -7.77
C THR H 70 37.45 -3.06 -8.39
N LEU H 71 37.33 -3.18 -9.71
CA LEU H 71 37.72 -4.41 -10.43
C LEU H 71 39.20 -4.59 -10.75
N THR H 72 39.84 -3.57 -11.30
CA THR H 72 41.25 -3.69 -11.62
C THR H 72 42.07 -4.22 -10.43
N PRO H 73 41.89 -3.64 -9.23
CA PRO H 73 42.63 -4.11 -8.06
C PRO H 73 42.19 -5.49 -7.63
N MET H 74 40.87 -5.76 -7.72
CA MET H 74 40.35 -7.04 -7.29
C MET H 74 40.81 -8.20 -8.19
N LEU H 75 40.73 -7.99 -9.51
CA LEU H 75 41.15 -8.97 -10.49
C LEU H 75 42.65 -9.15 -10.44
N LYS H 76 43.38 -8.14 -9.96
CA LYS H 76 44.82 -8.29 -9.85
C LYS H 76 45.09 -9.27 -8.70
N ARG H 77 44.40 -9.09 -7.58
CA ARG H 77 44.59 -9.98 -6.45
C ARG H 77 44.25 -11.42 -6.87
N MET H 78 43.10 -11.61 -7.52
CA MET H 78 42.70 -12.93 -7.96
C MET H 78 43.73 -13.59 -8.89
N GLU H 79 44.35 -12.78 -9.74
CA GLU H 79 45.36 -13.28 -10.67
C GLU H 79 46.58 -13.73 -9.86
N GLN H 80 46.90 -12.97 -8.83
CA GLN H 80 48.02 -13.28 -7.97
C GLN H 80 47.65 -14.53 -7.16
N GLN H 81 46.36 -14.73 -6.93
CA GLN H 81 45.92 -15.91 -6.18
C GLN H 81 45.90 -17.13 -7.10
N GLY H 82 46.26 -16.92 -8.37
CA GLY H 82 46.29 -18.00 -9.33
C GLY H 82 44.94 -18.47 -9.85
N LEU H 83 43.89 -17.71 -9.56
CA LEU H 83 42.55 -18.05 -9.98
C LEU H 83 42.20 -17.64 -11.41
N ILE H 84 42.80 -16.58 -11.92
CA ILE H 84 42.47 -16.09 -13.27
C ILE H 84 43.64 -15.48 -14.01
N THR H 85 43.53 -15.45 -15.33
CA THR H 85 44.55 -14.85 -16.19
C THR H 85 43.93 -13.56 -16.73
N ARG H 86 44.78 -12.62 -17.18
CA ARG H 86 44.30 -11.35 -17.73
C ARG H 86 45.14 -11.00 -18.96
N LYS H 87 44.52 -11.02 -20.13
CA LYS H 87 45.27 -10.72 -21.34
C LYS H 87 44.53 -9.67 -22.17
N ARG H 88 45.28 -8.79 -22.80
CA ARG H 88 44.69 -7.73 -23.63
C ARG H 88 43.88 -8.35 -24.77
N SER H 89 42.72 -7.78 -25.06
CA SER H 89 41.89 -8.30 -26.15
C SER H 89 42.52 -7.96 -27.49
N GLU H 90 42.40 -8.88 -28.44
CA GLU H 90 42.97 -8.63 -29.75
C GLU H 90 41.96 -7.84 -30.57
N GLU H 91 40.68 -8.14 -30.36
CA GLU H 91 39.59 -7.47 -31.07
C GLU H 91 39.35 -6.02 -30.62
N ASP H 92 40.15 -5.54 -29.68
CA ASP H 92 40.02 -4.18 -29.14
C ASP H 92 41.11 -4.00 -28.09
N GLU H 93 42.31 -3.66 -28.54
CA GLU H 93 43.46 -3.48 -27.65
C GLU H 93 43.18 -2.57 -26.43
N ARG H 94 41.95 -2.10 -26.30
CA ARG H 94 41.59 -1.26 -25.16
C ARG H 94 40.91 -2.10 -24.08
N SER H 95 40.37 -3.25 -24.48
CA SER H 95 39.68 -4.12 -23.55
C SER H 95 40.56 -5.20 -22.93
N VAL H 96 40.08 -5.81 -21.86
CA VAL H 96 40.84 -6.84 -21.19
C VAL H 96 39.98 -8.06 -20.98
N LEU H 97 40.57 -9.22 -21.25
CA LEU H 97 39.85 -10.46 -21.10
C LEU H 97 40.32 -11.17 -19.83
N ILE H 98 39.35 -11.65 -19.06
CA ILE H 98 39.59 -12.35 -17.82
C ILE H 98 39.20 -13.80 -18.02
N SER H 99 40.19 -14.68 -17.83
CA SER H 99 40.01 -16.11 -18.02
C SER H 99 40.33 -16.93 -16.79
N LEU H 100 39.52 -17.96 -16.59
CA LEU H 100 39.67 -18.90 -15.49
C LEU H 100 40.94 -19.75 -15.68
N THR H 101 41.58 -20.13 -14.59
CA THR H 101 42.78 -20.96 -14.65
C THR H 101 42.33 -22.34 -14.18
N GLU H 102 43.18 -23.33 -14.39
CA GLU H 102 42.83 -24.67 -13.96
C GLU H 102 42.46 -24.58 -12.47
N ASP H 103 43.31 -23.93 -11.68
CA ASP H 103 43.00 -23.79 -10.26
C ASP H 103 41.70 -23.04 -10.07
N GLY H 104 41.54 -21.93 -10.79
CA GLY H 104 40.33 -21.15 -10.68
C GLY H 104 39.14 -22.00 -11.03
N ALA H 105 39.32 -22.88 -12.01
CA ALA H 105 38.23 -23.75 -12.42
C ALA H 105 37.93 -24.86 -11.41
N LEU H 106 38.96 -25.47 -10.85
CA LEU H 106 38.71 -26.53 -9.89
C LEU H 106 37.96 -26.00 -8.69
N LEU H 107 38.28 -24.77 -8.30
CA LEU H 107 37.65 -24.15 -7.14
C LEU H 107 36.11 -24.23 -7.12
N LYS H 108 35.51 -24.34 -8.29
CA LYS H 108 34.05 -24.38 -8.37
C LYS H 108 33.42 -25.39 -7.43
N GLU H 109 33.93 -26.62 -7.48
CA GLU H 109 33.45 -27.74 -6.67
C GLU H 109 33.44 -27.51 -5.15
N LYS H 110 34.38 -26.73 -4.64
CA LYS H 110 34.43 -26.48 -3.20
C LYS H 110 33.43 -25.41 -2.73
N ALA H 111 32.73 -24.78 -3.67
CA ALA H 111 31.75 -23.76 -3.31
C ALA H 111 30.35 -24.33 -3.51
N VAL H 112 30.32 -25.62 -3.84
CA VAL H 112 29.09 -26.36 -4.13
C VAL H 112 27.91 -26.21 -3.17
N ASP H 113 28.14 -26.44 -1.88
CA ASP H 113 27.05 -26.32 -0.94
C ASP H 113 27.00 -25.02 -0.14
N ILE H 114 27.53 -23.94 -0.73
CA ILE H 114 27.52 -22.64 -0.08
C ILE H 114 26.10 -22.06 -0.24
N PRO H 115 25.55 -22.09 -1.46
CA PRO H 115 24.20 -21.54 -1.57
C PRO H 115 23.28 -22.23 -0.54
N GLY H 116 23.34 -23.55 -0.49
CA GLY H 116 22.52 -24.30 0.45
C GLY H 116 22.61 -23.76 1.87
N THR H 117 23.80 -23.80 2.44
CA THR H 117 24.02 -23.29 3.79
C THR H 117 23.42 -21.91 3.99
N ILE H 118 23.62 -21.03 3.00
CA ILE H 118 23.11 -19.67 3.10
C ILE H 118 21.59 -19.69 3.20
N LEU H 119 20.94 -20.17 2.15
CA LEU H 119 19.50 -20.29 2.12
C LEU H 119 19.03 -20.80 3.47
N GLY H 120 19.59 -21.93 3.88
CA GLY H 120 19.21 -22.53 5.15
C GLY H 120 19.22 -21.58 6.33
N LEU H 121 20.33 -20.88 6.53
CA LEU H 121 20.44 -19.98 7.65
C LEU H 121 19.69 -18.66 7.42
N SER H 122 18.92 -18.57 6.34
CA SER H 122 18.21 -17.32 6.07
C SER H 122 16.72 -17.39 5.75
N LYS H 123 16.23 -18.57 5.36
CA LYS H 123 14.82 -18.72 5.01
C LYS H 123 13.85 -18.45 6.17
N GLN H 124 14.35 -17.83 7.23
CA GLN H 124 13.56 -17.51 8.41
C GLN H 124 12.74 -16.22 8.28
N SER H 125 12.59 -15.73 7.06
CA SER H 125 11.85 -14.49 6.82
C SER H 125 10.33 -14.66 6.91
N GLY H 126 9.63 -13.54 6.97
CA GLY H 126 8.18 -13.56 7.06
C GLY H 126 7.47 -13.71 5.72
N GLU H 127 8.08 -14.49 4.83
CA GLU H 127 7.50 -14.74 3.51
C GLU H 127 8.49 -15.55 2.70
N ASP H 128 8.05 -15.98 1.51
CA ASP H 128 8.92 -16.79 0.65
C ASP H 128 9.95 -15.92 -0.05
N LEU H 129 11.18 -16.41 -0.05
CA LEU H 129 12.29 -15.72 -0.69
C LEU H 129 11.93 -15.33 -2.12
N LYS H 130 11.06 -16.10 -2.76
CA LYS H 130 10.66 -15.82 -4.14
C LYS H 130 10.11 -14.41 -4.24
N GLN H 131 9.34 -14.02 -3.22
CA GLN H 131 8.76 -12.70 -3.20
C GLN H 131 9.84 -11.69 -2.79
N LEU H 132 10.46 -11.94 -1.66
CA LEU H 132 11.54 -11.06 -1.17
C LEU H 132 12.52 -10.76 -2.30
N LYS H 133 12.95 -11.82 -2.97
CA LYS H 133 13.89 -11.70 -4.07
C LYS H 133 13.27 -10.88 -5.20
N SER H 134 12.03 -11.20 -5.55
CA SER H 134 11.37 -10.46 -6.62
C SER H 134 11.21 -8.98 -6.26
N ALA H 135 11.00 -8.70 -4.99
CA ALA H 135 10.86 -7.31 -4.57
C ALA H 135 12.17 -6.59 -4.85
N LEU H 136 13.26 -7.14 -4.31
CA LEU H 136 14.59 -6.58 -4.50
C LEU H 136 14.98 -6.51 -5.96
N TYR H 137 14.53 -7.47 -6.74
CA TYR H 137 14.87 -7.45 -8.15
C TYR H 137 14.27 -6.23 -8.83
N THR H 138 13.02 -5.94 -8.49
CA THR H 138 12.31 -4.81 -9.05
C THR H 138 12.96 -3.50 -8.62
N LEU H 139 13.19 -3.37 -7.31
CA LEU H 139 13.82 -2.19 -6.74
C LEU H 139 15.16 -1.92 -7.44
N LEU H 140 15.90 -2.99 -7.72
CA LEU H 140 17.19 -2.85 -8.39
C LEU H 140 16.99 -2.33 -9.80
N GLU H 141 16.09 -2.97 -10.54
CA GLU H 141 15.80 -2.58 -11.91
C GLU H 141 15.45 -1.10 -11.98
N THR H 142 14.63 -0.66 -11.03
CA THR H 142 14.20 0.74 -11.01
C THR H 142 15.41 1.65 -10.82
N LEU H 143 16.00 1.57 -9.63
CA LEU H 143 17.17 2.39 -9.29
C LEU H 143 18.25 2.46 -10.37
N HIS H 144 18.31 1.44 -11.22
CA HIS H 144 19.31 1.43 -12.27
C HIS H 144 18.96 2.47 -13.33
N HIS I 7 -30.03 -8.54 -10.88
CA HIS I 7 -29.74 -8.88 -9.45
C HIS I 7 -29.95 -10.36 -9.21
N MET I 8 -30.16 -11.10 -10.28
CA MET I 8 -30.35 -12.54 -10.17
C MET I 8 -29.19 -13.25 -10.85
N LYS I 9 -28.21 -12.47 -11.28
CA LYS I 9 -27.03 -13.03 -11.92
C LYS I 9 -26.09 -13.47 -10.80
N LEU I 10 -25.61 -14.71 -10.86
CA LEU I 10 -24.72 -15.26 -9.83
C LEU I 10 -23.61 -14.35 -9.33
N GLU I 11 -22.61 -14.15 -10.18
CA GLU I 11 -21.45 -13.33 -9.86
C GLU I 11 -21.75 -11.96 -9.28
N ASN I 12 -23.02 -11.67 -9.02
CA ASN I 12 -23.39 -10.37 -8.44
C ASN I 12 -23.86 -10.46 -7.01
N GLN I 13 -23.97 -11.67 -6.50
CA GLN I 13 -24.41 -11.89 -5.12
C GLN I 13 -23.24 -11.76 -4.17
N LEU I 14 -23.41 -10.96 -3.11
CA LEU I 14 -22.35 -10.78 -2.13
C LEU I 14 -21.85 -12.14 -1.65
N SER I 15 -22.75 -12.94 -1.08
CA SER I 15 -22.39 -14.25 -0.57
C SER I 15 -21.67 -15.13 -1.58
N PHE I 16 -22.08 -15.08 -2.84
CA PHE I 16 -21.40 -15.91 -3.82
C PHE I 16 -19.96 -15.45 -3.95
N LEU I 17 -19.72 -14.16 -3.73
CA LEU I 17 -18.38 -13.63 -3.83
C LEU I 17 -17.57 -14.16 -2.66
N LEU I 18 -18.21 -14.18 -1.48
CA LEU I 18 -17.56 -14.67 -0.27
C LEU I 18 -17.26 -16.16 -0.48
N TYR I 19 -18.31 -16.90 -0.80
CA TYR I 19 -18.23 -18.32 -1.03
C TYR I 19 -17.12 -18.66 -2.02
N ALA I 20 -17.03 -17.91 -3.11
CA ALA I 20 -15.99 -18.19 -4.10
C ALA I 20 -14.64 -17.72 -3.58
N SER I 21 -14.65 -16.56 -2.94
CA SER I 21 -13.44 -15.97 -2.41
C SER I 21 -12.73 -16.88 -1.40
N SER I 22 -13.47 -17.30 -0.39
CA SER I 22 -12.92 -18.16 0.66
C SER I 22 -12.26 -19.43 0.11
N ARG I 23 -13.02 -20.19 -0.68
CA ARG I 23 -12.48 -21.41 -1.24
C ARG I 23 -11.24 -21.20 -2.13
N GLU I 24 -11.19 -20.11 -2.89
CA GLU I 24 -10.03 -19.91 -3.74
C GLU I 24 -8.84 -19.65 -2.83
N MET I 25 -9.10 -18.87 -1.78
CA MET I 25 -8.07 -18.54 -0.80
C MET I 25 -7.53 -19.87 -0.27
N THR I 26 -8.44 -20.74 0.13
CA THR I 26 -8.09 -22.05 0.65
C THR I 26 -7.16 -22.80 -0.31
N LYS I 27 -7.36 -22.67 -1.61
CA LYS I 27 -6.50 -23.37 -2.56
C LYS I 27 -5.12 -22.74 -2.55
N GLN I 28 -5.06 -21.49 -2.10
CA GLN I 28 -3.79 -20.77 -2.01
C GLN I 28 -3.05 -21.15 -0.74
N TYR I 29 -3.76 -21.79 0.19
CA TYR I 29 -3.17 -22.23 1.45
C TYR I 29 -2.76 -23.69 1.34
N LYS I 30 -3.39 -24.41 0.40
CA LYS I 30 -3.14 -25.83 0.18
C LYS I 30 -1.68 -26.23 0.11
N PRO I 31 -0.92 -25.64 -0.84
CA PRO I 31 0.49 -25.97 -0.97
C PRO I 31 1.25 -25.78 0.32
N LEU I 32 1.19 -24.56 0.87
CA LEU I 32 1.89 -24.23 2.10
C LEU I 32 1.51 -25.18 3.23
N LEU I 33 0.21 -25.46 3.35
CA LEU I 33 -0.25 -26.34 4.41
C LEU I 33 0.09 -27.80 4.18
N ASP I 34 0.08 -28.25 2.93
CA ASP I 34 0.42 -29.64 2.65
C ASP I 34 1.77 -29.94 3.32
N LYS I 35 2.57 -28.90 3.48
CA LYS I 35 3.90 -29.00 4.09
C LYS I 35 3.84 -29.32 5.57
N LEU I 36 2.94 -28.68 6.29
CA LEU I 36 2.80 -28.93 7.73
C LEU I 36 1.96 -30.19 7.96
N ASN I 37 1.54 -30.81 6.89
CA ASN I 37 0.70 -32.00 6.94
C ASN I 37 -0.68 -31.75 7.60
N ILE I 38 -1.16 -30.51 7.60
CA ILE I 38 -2.47 -30.20 8.17
C ILE I 38 -3.41 -29.58 7.11
N THR I 39 -4.71 -29.52 7.40
CA THR I 39 -5.65 -28.88 6.47
C THR I 39 -5.91 -27.45 6.94
N TYR I 40 -6.65 -26.69 6.14
CA TYR I 40 -6.94 -25.29 6.46
C TYR I 40 -7.66 -25.13 7.78
N PRO I 41 -8.73 -25.89 7.99
CA PRO I 41 -9.47 -25.78 9.26
C PRO I 41 -8.58 -26.09 10.47
N GLN I 42 -7.78 -27.15 10.36
CA GLN I 42 -6.85 -27.56 11.42
C GLN I 42 -5.89 -26.41 11.73
N TYR I 43 -5.43 -25.75 10.68
CA TYR I 43 -4.54 -24.63 10.79
C TYR I 43 -5.20 -23.52 11.58
N LEU I 44 -6.53 -23.41 11.47
CA LEU I 44 -7.25 -22.37 12.22
C LEU I 44 -7.32 -22.77 13.68
N ALA I 45 -7.61 -24.05 13.93
CA ALA I 45 -7.70 -24.54 15.30
C ALA I 45 -6.38 -24.29 15.98
N LEU I 46 -5.29 -24.50 15.23
CA LEU I 46 -3.96 -24.30 15.76
C LEU I 46 -3.70 -22.84 16.09
N LEU I 47 -4.02 -21.94 15.15
CA LEU I 47 -3.81 -20.52 15.38
C LEU I 47 -4.45 -20.08 16.69
N LEU I 48 -5.40 -20.88 17.20
CA LEU I 48 -6.03 -20.58 18.47
C LEU I 48 -5.20 -21.21 19.58
N LEU I 49 -4.88 -22.48 19.42
CA LEU I 49 -4.09 -23.19 20.41
C LEU I 49 -2.72 -22.54 20.59
N TRP I 50 -2.08 -22.15 19.49
CA TRP I 50 -0.76 -21.52 19.58
C TRP I 50 -0.84 -20.23 20.38
N GLU I 51 -2.03 -19.67 20.52
CA GLU I 51 -2.22 -18.44 21.28
C GLU I 51 -2.68 -18.78 22.72
N HIS I 52 -3.16 -20.01 22.92
CA HIS I 52 -3.61 -20.46 24.23
C HIS I 52 -3.53 -21.99 24.31
N GLU I 53 -2.42 -22.49 24.85
CA GLU I 53 -2.17 -23.93 24.94
C GLU I 53 -3.35 -24.84 25.25
N THR I 54 -4.35 -24.34 25.98
CA THR I 54 -5.50 -25.18 26.32
C THR I 54 -6.85 -24.49 26.15
N LEU I 55 -7.75 -25.13 25.40
CA LEU I 55 -9.08 -24.58 25.16
C LEU I 55 -10.15 -25.67 25.26
N THR I 56 -11.39 -25.25 25.50
CA THR I 56 -12.48 -26.20 25.57
C THR I 56 -13.04 -26.26 24.16
N VAL I 57 -13.68 -27.37 23.83
CA VAL I 57 -14.29 -27.52 22.52
C VAL I 57 -15.28 -26.38 22.39
N LYS I 58 -15.85 -25.97 23.52
CA LYS I 58 -16.80 -24.89 23.50
C LYS I 58 -16.12 -23.62 22.98
N LYS I 59 -15.10 -23.16 23.70
CA LYS I 59 -14.38 -21.95 23.30
C LYS I 59 -13.91 -22.04 21.86
N MET I 60 -13.28 -23.16 21.50
CA MET I 60 -12.79 -23.33 20.14
C MET I 60 -13.94 -23.17 19.15
N GLY I 61 -15.07 -23.80 19.45
CA GLY I 61 -16.21 -23.70 18.56
C GLY I 61 -16.68 -22.27 18.46
N GLU I 62 -16.81 -21.61 19.61
CA GLU I 62 -17.29 -20.25 19.67
C GLU I 62 -16.51 -19.27 18.79
N GLN I 63 -15.21 -19.48 18.67
CA GLN I 63 -14.40 -18.57 17.87
C GLN I 63 -14.12 -19.00 16.44
N LEU I 64 -14.46 -20.23 16.09
CA LEU I 64 -14.25 -20.69 14.72
C LEU I 64 -15.62 -20.67 14.05
N TYR I 65 -16.63 -20.36 14.86
CA TYR I 65 -18.01 -20.34 14.41
C TYR I 65 -18.38 -21.72 13.90
N LEU I 66 -17.90 -22.74 14.60
CA LEU I 66 -18.17 -24.13 14.26
C LEU I 66 -18.87 -24.76 15.47
N ASP I 67 -19.19 -26.04 15.37
CA ASP I 67 -19.85 -26.77 16.45
C ASP I 67 -19.20 -28.15 16.52
N SER I 68 -19.60 -28.95 17.51
CA SER I 68 -19.02 -30.29 17.69
C SER I 68 -19.27 -31.15 16.47
N GLY I 69 -20.38 -30.88 15.79
CA GLY I 69 -20.72 -31.65 14.59
C GLY I 69 -19.50 -31.71 13.70
N THR I 70 -18.72 -30.65 13.72
CA THR I 70 -17.52 -30.57 12.89
C THR I 70 -16.26 -30.79 13.71
N LEU I 71 -16.24 -30.20 14.90
CA LEU I 71 -15.08 -30.26 15.79
C LEU I 71 -14.66 -31.62 16.34
N THR I 72 -15.61 -32.45 16.77
CA THR I 72 -15.24 -33.75 17.31
C THR I 72 -14.39 -34.55 16.31
N PRO I 73 -14.79 -34.59 15.03
CA PRO I 73 -13.99 -35.35 14.06
C PRO I 73 -12.67 -34.67 13.71
N MET I 74 -12.72 -33.36 13.52
CA MET I 74 -11.50 -32.67 13.15
C MET I 74 -10.49 -32.80 14.29
N LEU I 75 -10.96 -32.63 15.53
CA LEU I 75 -10.08 -32.74 16.70
C LEU I 75 -9.51 -34.15 16.83
N LYS I 76 -10.34 -35.17 16.63
CA LYS I 76 -9.86 -36.54 16.72
C LYS I 76 -8.73 -36.77 15.71
N ARG I 77 -8.94 -36.40 14.46
CA ARG I 77 -7.89 -36.59 13.47
C ARG I 77 -6.64 -35.83 13.89
N MET I 78 -6.82 -34.72 14.59
CA MET I 78 -5.69 -33.92 15.04
C MET I 78 -4.91 -34.61 16.16
N GLU I 79 -5.60 -35.44 16.94
CA GLU I 79 -4.95 -36.16 18.04
C GLU I 79 -4.23 -37.39 17.48
N GLN I 80 -4.90 -38.05 16.55
CA GLN I 80 -4.40 -39.25 15.90
C GLN I 80 -3.14 -38.90 15.13
N GLN I 81 -2.98 -37.60 14.87
CA GLN I 81 -1.83 -37.08 14.15
C GLN I 81 -0.83 -36.53 15.17
N GLY I 82 -1.21 -36.60 16.44
CA GLY I 82 -0.35 -36.14 17.53
C GLY I 82 -0.12 -34.65 17.68
N LEU I 83 -1.01 -33.83 17.16
CA LEU I 83 -0.84 -32.39 17.28
C LEU I 83 -1.46 -31.92 18.57
N ILE I 84 -2.39 -32.69 19.09
CA ILE I 84 -3.07 -32.32 20.32
C ILE I 84 -3.44 -33.51 21.18
N THR I 85 -3.91 -33.20 22.38
CA THR I 85 -4.32 -34.22 23.33
C THR I 85 -5.73 -33.82 23.78
N ARG I 86 -6.56 -34.79 24.13
CA ARG I 86 -7.93 -34.49 24.55
C ARG I 86 -8.25 -35.09 25.90
N LYS I 87 -8.91 -34.31 26.76
CA LYS I 87 -9.25 -34.79 28.09
C LYS I 87 -10.51 -34.13 28.62
N ARG I 88 -11.37 -34.93 29.25
CA ARG I 88 -12.61 -34.41 29.82
C ARG I 88 -12.26 -33.40 30.92
N SER I 89 -12.99 -32.29 30.98
CA SER I 89 -12.71 -31.29 32.00
C SER I 89 -12.96 -31.86 33.38
N GLU I 90 -12.10 -31.54 34.32
CA GLU I 90 -12.25 -32.02 35.69
C GLU I 90 -13.23 -31.06 36.35
N GLU I 91 -13.14 -29.80 35.93
CA GLU I 91 -14.00 -28.72 36.43
C GLU I 91 -15.44 -28.90 36.00
N ASP I 92 -15.64 -29.45 34.81
CA ASP I 92 -16.97 -29.68 34.26
C ASP I 92 -16.93 -30.93 33.37
N GLU I 93 -17.39 -32.05 33.91
CA GLU I 93 -17.39 -33.32 33.20
C GLU I 93 -18.18 -33.31 31.88
N ARG I 94 -18.78 -32.16 31.57
CA ARG I 94 -19.55 -32.03 30.35
C ARG I 94 -18.70 -31.61 29.15
N SER I 95 -17.65 -30.84 29.41
CA SER I 95 -16.79 -30.37 28.33
C SER I 95 -15.49 -31.13 28.21
N VAL I 96 -14.81 -30.87 27.10
CA VAL I 96 -13.53 -31.50 26.82
C VAL I 96 -12.48 -30.43 26.62
N LEU I 97 -11.28 -30.71 27.10
CA LEU I 97 -10.15 -29.81 26.96
C LEU I 97 -9.24 -30.23 25.83
N ILE I 98 -8.86 -29.27 25.00
CA ILE I 98 -7.94 -29.54 23.92
C ILE I 98 -6.61 -28.91 24.34
N SER I 99 -5.54 -29.71 24.26
CA SER I 99 -4.21 -29.24 24.63
C SER I 99 -3.18 -29.60 23.59
N LEU I 100 -2.27 -28.65 23.34
CA LEU I 100 -1.20 -28.84 22.39
C LEU I 100 -0.16 -29.86 22.85
N THR I 101 0.41 -30.57 21.89
CA THR I 101 1.47 -31.50 22.22
C THR I 101 2.67 -30.60 21.95
N GLU I 102 3.87 -31.00 22.32
CA GLU I 102 5.03 -30.18 22.04
C GLU I 102 5.23 -30.26 20.53
N ASP I 103 5.02 -31.47 20.01
CA ASP I 103 5.10 -31.72 18.57
C ASP I 103 4.17 -30.69 17.92
N GLY I 104 3.08 -30.39 18.61
CA GLY I 104 2.11 -29.44 18.12
C GLY I 104 2.58 -28.00 18.20
N ALA I 105 3.27 -27.65 19.27
CA ALA I 105 3.76 -26.29 19.42
C ALA I 105 4.91 -26.03 18.46
N LEU I 106 5.81 -27.01 18.33
CA LEU I 106 6.95 -26.88 17.41
C LEU I 106 6.46 -26.54 16.01
N LEU I 107 5.32 -27.13 15.64
CA LEU I 107 4.72 -26.91 14.33
C LEU I 107 4.45 -25.43 14.10
N LYS I 108 4.39 -24.66 15.18
CA LYS I 108 4.13 -23.23 15.09
C LYS I 108 5.21 -22.46 14.32
N GLU I 109 6.48 -22.79 14.55
CA GLU I 109 7.58 -22.10 13.89
C GLU I 109 7.60 -22.34 12.38
N LYS I 110 6.97 -23.41 11.91
CA LYS I 110 6.96 -23.69 10.48
C LYS I 110 5.85 -22.92 9.76
N ALA I 111 4.84 -22.48 10.51
CA ALA I 111 3.71 -21.73 9.95
C ALA I 111 3.94 -20.23 10.01
N VAL I 112 4.89 -19.83 10.85
CA VAL I 112 5.24 -18.43 11.05
C VAL I 112 5.21 -17.53 9.82
N ASP I 113 5.67 -18.04 8.68
CA ASP I 113 5.70 -17.25 7.47
C ASP I 113 4.60 -17.52 6.46
N ILE I 114 3.55 -18.22 6.90
CA ILE I 114 2.44 -18.52 5.99
C ILE I 114 1.66 -17.25 5.69
N PRO I 115 1.30 -16.47 6.72
CA PRO I 115 0.55 -15.22 6.49
C PRO I 115 1.25 -14.33 5.45
N GLY I 116 2.56 -14.20 5.58
CA GLY I 116 3.31 -13.39 4.65
C GLY I 116 3.05 -13.87 3.24
N THR I 117 3.49 -15.09 2.95
CA THR I 117 3.32 -15.67 1.63
C THR I 117 1.90 -15.43 1.11
N ILE I 118 0.93 -15.47 2.01
CA ILE I 118 -0.47 -15.26 1.64
C ILE I 118 -0.67 -13.81 1.22
N LEU I 119 -0.46 -12.89 2.16
CA LEU I 119 -0.61 -11.47 1.90
C LEU I 119 0.08 -11.07 0.59
N GLY I 120 1.16 -11.76 0.26
CA GLY I 120 1.89 -11.46 -0.96
C GLY I 120 1.31 -12.11 -2.20
N LEU I 121 0.15 -12.73 -2.06
CA LEU I 121 -0.52 -13.38 -3.17
C LEU I 121 -1.92 -12.80 -3.32
N SER I 122 -2.42 -12.25 -2.23
CA SER I 122 -3.77 -11.67 -2.18
C SER I 122 -3.87 -10.19 -2.53
N LYS I 123 -3.42 -9.32 -1.63
CA LYS I 123 -3.48 -7.88 -1.88
C LYS I 123 -2.45 -7.53 -2.95
N GLN I 124 -2.63 -8.07 -4.14
CA GLN I 124 -1.69 -7.84 -5.23
C GLN I 124 -2.04 -6.66 -6.14
N SER I 125 -2.72 -5.64 -5.60
CA SER I 125 -3.09 -4.46 -6.39
C SER I 125 -3.96 -3.47 -5.64
N GLY I 126 -3.36 -2.37 -5.16
CA GLY I 126 -4.10 -1.37 -4.42
C GLY I 126 -5.06 -2.03 -3.44
N GLU I 127 -6.23 -1.44 -3.24
CA GLU I 127 -7.23 -2.03 -2.34
C GLU I 127 -6.62 -2.34 -0.97
N ASP I 128 -6.48 -1.33 -0.13
CA ASP I 128 -5.90 -1.58 1.19
C ASP I 128 -6.60 -2.76 1.85
N LEU I 129 -5.85 -3.84 2.02
CA LEU I 129 -6.38 -5.08 2.61
C LEU I 129 -6.66 -4.95 4.11
N LYS I 130 -6.73 -3.71 4.59
CA LYS I 130 -7.00 -3.46 5.99
C LYS I 130 -8.48 -3.20 6.13
N GLN I 131 -9.03 -2.45 5.17
CA GLN I 131 -10.44 -2.12 5.18
C GLN I 131 -11.31 -3.23 4.62
N LEU I 132 -10.69 -4.18 3.93
CA LEU I 132 -11.45 -5.31 3.40
C LEU I 132 -11.80 -6.16 4.61
N LYS I 133 -10.84 -6.29 5.52
CA LYS I 133 -11.03 -7.07 6.73
C LYS I 133 -12.10 -6.44 7.60
N SER I 134 -11.94 -5.14 7.87
CA SER I 134 -12.90 -4.42 8.68
C SER I 134 -14.33 -4.66 8.19
N ALA I 135 -14.56 -4.42 6.91
CA ALA I 135 -15.89 -4.60 6.32
C ALA I 135 -16.44 -6.00 6.62
N LEU I 136 -15.55 -6.99 6.70
CA LEU I 136 -15.94 -8.35 6.98
C LEU I 136 -16.16 -8.59 8.45
N TYR I 137 -15.35 -7.94 9.27
CA TYR I 137 -15.46 -8.11 10.71
C TYR I 137 -16.78 -7.56 11.24
N THR I 138 -17.34 -6.59 10.52
CA THR I 138 -18.60 -5.97 10.93
C THR I 138 -19.78 -6.82 10.45
N LEU I 139 -19.64 -7.37 9.25
CA LEU I 139 -20.65 -8.22 8.65
C LEU I 139 -20.79 -9.43 9.55
N LEU I 140 -19.64 -10.03 9.86
CA LEU I 140 -19.54 -11.21 10.72
C LEU I 140 -20.29 -10.97 12.02
N GLU I 141 -19.97 -9.88 12.69
CA GLU I 141 -20.65 -9.58 13.94
C GLU I 141 -22.15 -9.68 13.71
N THR I 142 -22.64 -8.91 12.75
CA THR I 142 -24.06 -8.85 12.42
C THR I 142 -24.73 -10.20 12.15
N LEU I 143 -24.19 -10.97 11.20
CA LEU I 143 -24.75 -12.27 10.85
C LEU I 143 -24.67 -13.28 11.99
N HIS I 144 -24.20 -12.83 13.15
CA HIS I 144 -24.10 -13.70 14.30
C HIS I 144 -25.15 -13.32 15.33
N MET J 8 -0.69 -12.54 14.07
CA MET J 8 -0.73 -14.03 14.03
C MET J 8 -2.01 -14.56 14.69
N LYS J 9 -2.86 -13.64 15.15
CA LYS J 9 -4.11 -13.97 15.82
C LYS J 9 -5.19 -14.42 14.83
N LEU J 10 -6.03 -15.35 15.27
CA LEU J 10 -7.09 -15.90 14.42
C LEU J 10 -7.91 -14.86 13.67
N GLU J 11 -8.64 -14.02 14.40
CA GLU J 11 -9.46 -13.02 13.74
C GLU J 11 -8.64 -12.00 12.97
N ASN J 12 -7.32 -12.09 13.06
CA ASN J 12 -6.45 -11.16 12.35
C ASN J 12 -6.10 -11.64 10.94
N GLN J 13 -6.71 -12.75 10.50
CA GLN J 13 -6.44 -13.28 9.18
C GLN J 13 -7.60 -12.99 8.23
N LEU J 14 -7.28 -12.67 6.98
CA LEU J 14 -8.30 -12.37 5.98
C LEU J 14 -8.99 -13.63 5.45
N SER J 15 -8.22 -14.70 5.29
CA SER J 15 -8.76 -15.96 4.78
C SER J 15 -9.83 -16.48 5.74
N PHE J 16 -9.62 -16.21 7.03
CA PHE J 16 -10.56 -16.64 8.05
C PHE J 16 -11.80 -15.75 8.02
N LEU J 17 -11.61 -14.47 7.74
CA LEU J 17 -12.73 -13.54 7.70
C LEU J 17 -13.63 -13.87 6.51
N LEU J 18 -13.05 -14.52 5.51
CA LEU J 18 -13.83 -14.93 4.36
C LEU J 18 -14.61 -16.17 4.78
N TYR J 19 -13.89 -17.12 5.35
CA TYR J 19 -14.41 -18.39 5.85
C TYR J 19 -15.57 -18.27 6.86
N ALA J 20 -15.36 -17.61 7.99
CA ALA J 20 -16.42 -17.50 9.00
C ALA J 20 -17.57 -16.61 8.50
N SER J 21 -17.25 -15.71 7.59
CA SER J 21 -18.26 -14.81 7.04
C SER J 21 -19.19 -15.52 6.05
N SER J 22 -18.61 -16.37 5.20
CA SER J 22 -19.40 -17.09 4.21
C SER J 22 -20.31 -18.14 4.82
N ARG J 23 -19.78 -18.92 5.74
CA ARG J 23 -20.60 -19.93 6.38
C ARG J 23 -21.74 -19.20 7.10
N GLU J 24 -21.40 -18.17 7.88
CA GLU J 24 -22.39 -17.39 8.62
C GLU J 24 -23.43 -16.75 7.70
N MET J 25 -23.05 -16.48 6.46
CA MET J 25 -23.99 -15.93 5.50
C MET J 25 -24.92 -17.08 5.10
N THR J 26 -24.31 -18.24 4.84
CA THR J 26 -25.06 -19.43 4.45
C THR J 26 -26.11 -19.75 5.50
N LYS J 27 -25.79 -19.46 6.76
CA LYS J 27 -26.71 -19.71 7.86
C LYS J 27 -27.98 -18.84 7.71
N GLN J 28 -27.79 -17.56 7.38
CA GLN J 28 -28.91 -16.64 7.21
C GLN J 28 -29.85 -17.15 6.14
N TYR J 29 -29.29 -17.81 5.14
CA TYR J 29 -30.05 -18.35 4.02
C TYR J 29 -30.85 -19.59 4.38
N LYS J 30 -30.25 -20.50 5.15
CA LYS J 30 -30.91 -21.74 5.53
C LYS J 30 -32.40 -21.61 5.83
N PRO J 31 -32.78 -20.62 6.66
CA PRO J 31 -34.20 -20.43 7.02
C PRO J 31 -35.06 -20.14 5.81
N LEU J 32 -34.53 -19.34 4.90
CA LEU J 32 -35.28 -18.97 3.71
C LEU J 32 -35.16 -19.99 2.57
N LEU J 33 -34.04 -20.72 2.50
CA LEU J 33 -33.86 -21.71 1.44
C LEU J 33 -34.61 -23.01 1.68
N ASP J 34 -34.84 -23.36 2.94
CA ASP J 34 -35.56 -24.59 3.24
C ASP J 34 -36.94 -24.50 2.65
N LYS J 35 -37.49 -23.29 2.67
CA LYS J 35 -38.82 -23.06 2.14
C LYS J 35 -38.93 -23.50 0.67
N LEU J 36 -37.80 -23.60 -0.01
CA LEU J 36 -37.78 -24.00 -1.41
C LEU J 36 -37.21 -25.41 -1.52
N ASN J 37 -36.84 -25.96 -0.36
CA ASN J 37 -36.31 -27.31 -0.29
C ASN J 37 -34.95 -27.49 -0.93
N ILE J 38 -34.09 -26.48 -0.80
CA ILE J 38 -32.76 -26.54 -1.38
C ILE J 38 -31.64 -26.07 -0.46
N THR J 39 -30.41 -26.34 -0.87
CA THR J 39 -29.22 -25.96 -0.12
C THR J 39 -28.69 -24.71 -0.79
N TYR J 40 -27.66 -24.07 -0.23
CA TYR J 40 -27.13 -22.86 -0.83
C TYR J 40 -26.46 -23.17 -2.17
N PRO J 41 -25.66 -24.23 -2.25
CA PRO J 41 -24.99 -24.59 -3.50
C PRO J 41 -25.97 -24.87 -4.65
N GLN J 42 -27.03 -25.61 -4.36
CA GLN J 42 -28.02 -25.91 -5.40
C GLN J 42 -28.63 -24.58 -5.83
N TYR J 43 -29.03 -23.78 -4.83
CA TYR J 43 -29.59 -22.47 -5.08
C TYR J 43 -28.68 -21.78 -6.07
N LEU J 44 -27.41 -21.62 -5.71
CA LEU J 44 -26.48 -20.98 -6.59
C LEU J 44 -26.58 -21.50 -8.00
N ALA J 45 -26.61 -22.82 -8.17
CA ALA J 45 -26.72 -23.38 -9.50
C ALA J 45 -28.03 -22.93 -10.16
N LEU J 46 -29.05 -22.69 -9.35
CA LEU J 46 -30.33 -22.24 -9.88
C LEU J 46 -30.14 -20.85 -10.48
N LEU J 47 -29.63 -19.92 -9.68
CA LEU J 47 -29.39 -18.54 -10.11
C LEU J 47 -28.78 -18.53 -11.50
N LEU J 48 -27.91 -19.49 -11.78
CA LEU J 48 -27.30 -19.59 -13.08
C LEU J 48 -28.30 -20.11 -14.10
N LEU J 49 -29.08 -21.11 -13.68
CA LEU J 49 -30.07 -21.73 -14.54
C LEU J 49 -31.21 -20.79 -14.88
N TRP J 50 -31.60 -19.97 -13.91
CA TRP J 50 -32.68 -19.03 -14.12
C TRP J 50 -32.32 -17.92 -15.09
N GLU J 51 -31.18 -18.09 -15.76
CA GLU J 51 -30.71 -17.12 -16.75
C GLU J 51 -30.05 -17.87 -17.89
N HIS J 52 -30.43 -19.12 -18.07
CA HIS J 52 -29.86 -19.94 -19.13
C HIS J 52 -30.45 -21.34 -19.09
N GLU J 53 -31.74 -21.45 -19.42
CA GLU J 53 -32.46 -22.72 -19.44
C GLU J 53 -31.50 -23.91 -19.39
N THR J 54 -30.99 -24.31 -20.54
CA THR J 54 -30.04 -25.42 -20.57
C THR J 54 -28.63 -24.86 -20.38
N LEU J 55 -27.75 -25.71 -19.87
CA LEU J 55 -26.37 -25.31 -19.60
C LEU J 55 -25.52 -26.54 -19.33
N THR J 56 -24.24 -26.48 -19.66
CA THR J 56 -23.38 -27.63 -19.47
C THR J 56 -22.73 -27.71 -18.09
N VAL J 57 -22.43 -28.93 -17.66
CA VAL J 57 -21.79 -29.17 -16.37
C VAL J 57 -20.54 -28.31 -16.34
N LYS J 58 -19.68 -28.52 -17.33
CA LYS J 58 -18.45 -27.75 -17.43
C LYS J 58 -18.70 -26.27 -17.18
N LYS J 59 -19.44 -25.62 -18.07
CA LYS J 59 -19.69 -24.21 -17.92
C LYS J 59 -20.15 -23.83 -16.51
N MET J 60 -21.09 -24.60 -15.96
CA MET J 60 -21.57 -24.33 -14.61
C MET J 60 -20.38 -24.41 -13.66
N GLY J 61 -19.59 -25.46 -13.82
CA GLY J 61 -18.42 -25.62 -12.98
C GLY J 61 -17.58 -24.36 -12.99
N GLU J 62 -17.22 -23.89 -14.18
CA GLU J 62 -16.41 -22.68 -14.34
C GLU J 62 -17.03 -21.47 -13.67
N GLN J 63 -18.35 -21.38 -13.71
CA GLN J 63 -19.06 -20.26 -13.11
C GLN J 63 -19.07 -20.36 -11.58
N LEU J 64 -19.22 -21.57 -11.06
CA LEU J 64 -19.27 -21.76 -9.62
C LEU J 64 -17.94 -22.13 -9.01
N TYR J 65 -16.87 -21.94 -9.77
CA TYR J 65 -15.53 -22.29 -9.28
C TYR J 65 -15.56 -23.67 -8.66
N LEU J 66 -16.35 -24.55 -9.24
CA LEU J 66 -16.45 -25.91 -8.74
C LEU J 66 -15.95 -26.83 -9.82
N ASP J 67 -16.42 -28.06 -9.81
CA ASP J 67 -15.99 -29.03 -10.80
C ASP J 67 -16.81 -30.29 -10.63
N SER J 68 -16.52 -31.28 -11.46
CA SER J 68 -17.22 -32.54 -11.37
C SER J 68 -16.81 -33.02 -9.99
N GLY J 69 -17.45 -34.06 -9.48
CA GLY J 69 -17.07 -34.50 -8.14
C GLY J 69 -17.97 -33.81 -7.13
N THR J 70 -18.05 -32.49 -7.24
CA THR J 70 -18.95 -31.75 -6.38
C THR J 70 -20.28 -31.69 -7.14
N LEU J 71 -20.22 -31.23 -8.38
CA LEU J 71 -21.42 -31.10 -9.22
C LEU J 71 -22.11 -32.38 -9.65
N THR J 72 -21.34 -33.42 -9.98
CA THR J 72 -22.02 -34.63 -10.40
C THR J 72 -23.07 -35.01 -9.35
N PRO J 73 -22.64 -35.25 -8.10
CA PRO J 73 -23.57 -35.62 -7.04
C PRO J 73 -24.65 -34.55 -6.79
N MET J 74 -24.24 -33.29 -6.63
CA MET J 74 -25.18 -32.20 -6.38
C MET J 74 -26.30 -32.17 -7.44
N LEU J 75 -25.93 -32.25 -8.70
CA LEU J 75 -26.89 -32.23 -9.81
C LEU J 75 -27.76 -33.47 -9.86
N LYS J 76 -27.23 -34.60 -9.40
CA LYS J 76 -28.02 -35.83 -9.40
C LYS J 76 -29.11 -35.70 -8.35
N ARG J 77 -28.80 -35.01 -7.25
CA ARG J 77 -29.77 -34.81 -6.18
C ARG J 77 -30.88 -33.87 -6.63
N MET J 78 -30.52 -32.73 -7.20
CA MET J 78 -31.52 -31.77 -7.66
C MET J 78 -32.48 -32.44 -8.64
N GLU J 79 -31.93 -33.18 -9.60
CA GLU J 79 -32.76 -33.87 -10.57
C GLU J 79 -33.81 -34.75 -9.89
N GLN J 80 -33.37 -35.58 -8.94
CA GLN J 80 -34.28 -36.45 -8.21
C GLN J 80 -35.34 -35.61 -7.52
N GLN J 81 -34.97 -34.36 -7.26
CA GLN J 81 -35.87 -33.42 -6.61
C GLN J 81 -36.77 -32.82 -7.68
N GLY J 82 -36.65 -33.35 -8.89
CA GLY J 82 -37.46 -32.87 -10.00
C GLY J 82 -37.22 -31.41 -10.30
N LEU J 83 -35.98 -30.95 -10.14
CA LEU J 83 -35.63 -29.57 -10.41
C LEU J 83 -34.92 -29.43 -11.77
N ILE J 84 -34.34 -30.52 -12.25
CA ILE J 84 -33.64 -30.48 -13.52
C ILE J 84 -33.58 -31.83 -14.21
N THR J 85 -33.05 -31.80 -15.42
CA THR J 85 -32.89 -33.01 -16.22
C THR J 85 -31.41 -33.05 -16.60
N ARG J 86 -30.92 -34.25 -16.86
CA ARG J 86 -29.54 -34.45 -17.27
C ARG J 86 -29.59 -35.35 -18.50
N LYS J 87 -29.06 -34.84 -19.62
CA LYS J 87 -29.05 -35.60 -20.87
C LYS J 87 -27.72 -35.42 -21.58
N ARG J 88 -27.08 -36.53 -21.95
CA ARG J 88 -25.83 -36.46 -22.67
C ARG J 88 -26.11 -35.65 -23.92
N SER J 89 -25.11 -34.90 -24.36
CA SER J 89 -25.28 -34.07 -25.54
C SER J 89 -25.27 -34.82 -26.88
N GLU J 90 -26.28 -34.56 -27.69
CA GLU J 90 -26.40 -35.18 -29.01
C GLU J 90 -25.44 -34.48 -29.97
N GLU J 91 -24.84 -33.40 -29.48
CA GLU J 91 -23.88 -32.61 -30.26
C GLU J 91 -22.46 -32.98 -29.82
N ASP J 92 -22.35 -33.55 -28.63
CA ASP J 92 -21.08 -33.98 -28.09
C ASP J 92 -21.33 -34.86 -26.89
N GLU J 93 -21.44 -36.16 -27.15
CA GLU J 93 -21.74 -37.18 -26.14
C GLU J 93 -20.81 -37.25 -24.93
N ARG J 94 -19.76 -36.45 -24.91
CA ARG J 94 -18.86 -36.49 -23.75
C ARG J 94 -19.20 -35.31 -22.86
N SER J 95 -20.33 -34.65 -23.15
CA SER J 95 -20.80 -33.51 -22.38
C SER J 95 -22.23 -33.77 -21.88
N VAL J 96 -22.56 -33.26 -20.71
CA VAL J 96 -23.89 -33.44 -20.15
C VAL J 96 -24.64 -32.13 -20.02
N LEU J 97 -25.65 -31.97 -20.85
CA LEU J 97 -26.44 -30.75 -20.85
C LEU J 97 -27.41 -30.78 -19.67
N ILE J 98 -27.32 -29.80 -18.80
CA ILE J 98 -28.21 -29.72 -17.64
C ILE J 98 -29.38 -28.79 -17.97
N SER J 99 -30.56 -29.39 -18.00
CA SER J 99 -31.77 -28.67 -18.36
C SER J 99 -32.75 -28.49 -17.21
N LEU J 100 -33.19 -27.25 -17.04
CA LEU J 100 -34.15 -26.88 -16.00
C LEU J 100 -35.50 -27.54 -16.32
N THR J 101 -36.33 -27.74 -15.30
CA THR J 101 -37.64 -28.35 -15.52
C THR J 101 -38.70 -27.37 -15.11
N GLU J 102 -39.97 -27.74 -15.32
CA GLU J 102 -41.09 -26.89 -14.97
C GLU J 102 -41.03 -26.45 -13.51
N ASP J 103 -40.84 -27.41 -12.62
CA ASP J 103 -40.79 -27.09 -11.21
C ASP J 103 -39.54 -26.26 -10.90
N GLY J 104 -38.47 -26.53 -11.64
CA GLY J 104 -37.24 -25.79 -11.43
C GLY J 104 -37.43 -24.33 -11.82
N ALA J 105 -37.93 -24.12 -13.03
CA ALA J 105 -38.18 -22.78 -13.52
C ALA J 105 -39.22 -22.14 -12.63
N LEU J 106 -40.26 -22.92 -12.32
CA LEU J 106 -41.36 -22.46 -11.49
C LEU J 106 -40.88 -21.97 -10.12
N LEU J 107 -39.86 -22.64 -9.58
CA LEU J 107 -39.31 -22.29 -8.28
C LEU J 107 -38.80 -20.85 -8.23
N LYS J 108 -38.36 -20.34 -9.37
CA LYS J 108 -37.84 -18.97 -9.44
C LYS J 108 -38.72 -17.97 -8.69
N GLU J 109 -40.03 -18.21 -8.72
CA GLU J 109 -41.01 -17.34 -8.08
C GLU J 109 -40.84 -17.13 -6.58
N LYS J 110 -40.36 -18.15 -5.88
CA LYS J 110 -40.19 -18.05 -4.43
C LYS J 110 -38.80 -17.53 -4.07
N ALA J 111 -37.94 -17.37 -5.06
CA ALA J 111 -36.58 -16.90 -4.81
C ALA J 111 -36.40 -15.43 -5.19
N VAL J 112 -37.51 -14.73 -5.40
CA VAL J 112 -37.49 -13.33 -5.76
C VAL J 112 -36.95 -12.43 -4.66
N ASP J 113 -37.56 -12.52 -3.48
CA ASP J 113 -37.16 -11.70 -2.35
C ASP J 113 -35.95 -12.23 -1.59
N ILE J 114 -35.27 -13.23 -2.13
CA ILE J 114 -34.11 -13.76 -1.45
C ILE J 114 -33.06 -12.65 -1.36
N PRO J 115 -32.59 -12.15 -2.53
CA PRO J 115 -31.59 -11.09 -2.57
C PRO J 115 -31.98 -9.92 -1.68
N GLY J 116 -33.21 -9.45 -1.85
CA GLY J 116 -33.68 -8.36 -1.03
C GLY J 116 -33.61 -8.69 0.45
N THR J 117 -34.26 -9.79 0.84
CA THR J 117 -34.29 -10.19 2.24
C THR J 117 -32.89 -10.26 2.86
N ILE J 118 -31.92 -10.78 2.12
CA ILE J 118 -30.56 -10.90 2.61
C ILE J 118 -29.96 -9.53 2.94
N LEU J 119 -29.85 -8.66 1.95
CA LEU J 119 -29.30 -7.32 2.17
C LEU J 119 -29.80 -6.78 3.50
N GLY J 120 -31.09 -6.97 3.76
CA GLY J 120 -31.69 -6.50 4.99
C GLY J 120 -30.91 -6.88 6.23
N LEU J 121 -30.82 -8.17 6.51
CA LEU J 121 -30.09 -8.65 7.67
C LEU J 121 -28.60 -8.60 7.39
N SER J 122 -28.24 -8.19 6.18
CA SER J 122 -26.83 -8.13 5.78
C SER J 122 -26.01 -6.93 6.26
N LYS J 123 -26.53 -5.71 6.14
CA LYS J 123 -25.73 -4.57 6.58
C LYS J 123 -26.31 -3.68 7.68
N GLN J 124 -25.49 -2.71 8.07
CA GLN J 124 -25.79 -1.72 9.10
C GLN J 124 -24.71 -0.65 9.04
N SER J 125 -24.39 -0.07 10.20
CA SER J 125 -23.35 0.98 10.30
C SER J 125 -23.44 2.09 9.26
N GLY J 126 -22.39 2.25 8.45
CA GLY J 126 -22.39 3.29 7.43
C GLY J 126 -21.44 3.08 6.26
N GLU J 127 -20.98 1.85 6.06
CA GLU J 127 -20.08 1.54 4.94
C GLU J 127 -20.84 0.85 3.81
N ASP J 128 -20.43 1.11 2.58
CA ASP J 128 -21.10 0.56 1.40
C ASP J 128 -20.76 -0.87 1.03
N LEU J 129 -21.78 -1.54 0.47
CA LEU J 129 -21.66 -2.91 0.02
C LEU J 129 -20.92 -2.90 -1.31
N LYS J 130 -21.07 -1.81 -2.05
CA LYS J 130 -20.42 -1.68 -3.35
C LYS J 130 -18.94 -1.98 -3.22
N GLN J 131 -18.28 -1.35 -2.26
CA GLN J 131 -16.86 -1.55 -2.04
C GLN J 131 -16.50 -3.00 -1.72
N LEU J 132 -17.22 -3.60 -0.78
CA LEU J 132 -16.96 -4.98 -0.39
C LEU J 132 -16.98 -5.90 -1.62
N LYS J 133 -18.00 -5.75 -2.45
CA LYS J 133 -18.14 -6.56 -3.66
C LYS J 133 -16.96 -6.34 -4.60
N SER J 134 -16.74 -5.07 -4.95
CA SER J 134 -15.65 -4.70 -5.85
C SER J 134 -14.33 -5.27 -5.37
N ALA J 135 -14.09 -5.14 -4.08
CA ALA J 135 -12.86 -5.63 -3.47
C ALA J 135 -12.74 -7.12 -3.79
N LEU J 136 -13.85 -7.83 -3.58
CA LEU J 136 -13.90 -9.25 -3.82
C LEU J 136 -13.64 -9.63 -5.28
N TYR J 137 -14.29 -8.94 -6.21
CA TYR J 137 -14.08 -9.23 -7.63
C TYR J 137 -12.60 -9.27 -7.95
N THR J 138 -11.92 -8.18 -7.59
CA THR J 138 -10.48 -8.10 -7.84
C THR J 138 -9.75 -9.19 -7.07
N LEU J 139 -10.14 -9.37 -5.80
CA LEU J 139 -9.52 -10.39 -4.96
C LEU J 139 -9.71 -11.77 -5.55
N LEU J 140 -10.86 -11.98 -6.18
CA LEU J 140 -11.17 -13.25 -6.79
C LEU J 140 -10.42 -13.38 -8.12
N GLU J 141 -9.98 -12.24 -8.64
CA GLU J 141 -9.23 -12.22 -9.90
C GLU J 141 -7.78 -12.51 -9.59
N THR J 142 -7.27 -11.89 -8.53
CA THR J 142 -5.89 -12.09 -8.12
C THR J 142 -5.60 -13.59 -7.95
N LEU J 143 -6.60 -14.34 -7.50
CA LEU J 143 -6.44 -15.78 -7.31
C LEU J 143 -6.99 -16.47 -8.55
N HIS J 144 -7.72 -15.69 -9.35
CA HIS J 144 -8.36 -16.16 -10.59
C HIS J 144 -8.64 -17.66 -10.63
N MET K 8 9.26 16.82 -13.51
CA MET K 8 8.23 17.32 -12.56
C MET K 8 6.92 17.54 -13.30
N LYS K 9 6.33 16.46 -13.79
CA LYS K 9 5.09 16.53 -14.53
C LYS K 9 3.89 16.92 -13.66
N LEU K 10 3.19 17.96 -14.11
CA LEU K 10 2.03 18.49 -13.42
C LEU K 10 0.99 17.41 -13.11
N GLU K 11 0.55 16.68 -14.12
CA GLU K 11 -0.44 15.65 -13.93
C GLU K 11 0.03 14.57 -12.95
N ASN K 12 1.33 14.57 -12.65
CA ASN K 12 1.87 13.57 -11.73
C ASN K 12 2.07 14.12 -10.33
N GLN K 13 1.46 15.27 -10.06
CA GLN K 13 1.59 15.91 -8.77
C GLN K 13 0.31 15.79 -7.94
N LEU K 14 0.43 15.15 -6.77
CA LEU K 14 -0.72 14.95 -5.87
C LEU K 14 -1.44 16.24 -5.53
N SER K 15 -0.66 17.25 -5.17
CA SER K 15 -1.22 18.54 -4.79
C SER K 15 -2.10 19.01 -5.94
N PHE K 16 -1.57 18.89 -7.16
CA PHE K 16 -2.32 19.29 -8.33
C PHE K 16 -3.63 18.53 -8.47
N LEU K 17 -3.59 17.23 -8.21
CA LEU K 17 -4.78 16.39 -8.32
C LEU K 17 -5.86 16.75 -7.32
N LEU K 18 -5.45 17.12 -6.10
CA LEU K 18 -6.42 17.52 -5.06
C LEU K 18 -7.05 18.85 -5.46
N TYR K 19 -6.19 19.79 -5.83
CA TYR K 19 -6.56 21.13 -6.25
C TYR K 19 -7.55 21.10 -7.41
N ALA K 20 -7.35 20.21 -8.37
CA ALA K 20 -8.22 20.11 -9.53
C ALA K 20 -9.47 19.29 -9.35
N SER K 21 -9.41 18.22 -8.56
CA SER K 21 -10.59 17.39 -8.37
C SER K 21 -11.57 18.09 -7.44
N SER K 22 -11.05 18.96 -6.58
CA SER K 22 -11.91 19.74 -5.67
C SER K 22 -12.70 20.82 -6.43
N ARG K 23 -12.07 21.45 -7.41
CA ARG K 23 -12.70 22.51 -8.19
C ARG K 23 -13.64 21.97 -9.23
N GLU K 24 -13.36 20.80 -9.77
CA GLU K 24 -14.30 20.27 -10.74
C GLU K 24 -15.50 19.78 -9.94
N MET K 25 -15.23 19.40 -8.68
CA MET K 25 -16.27 18.93 -7.77
C MET K 25 -17.17 20.12 -7.45
N THR K 26 -16.54 21.23 -7.07
CA THR K 26 -17.27 22.45 -6.77
C THR K 26 -18.15 22.83 -7.96
N LYS K 27 -17.67 22.53 -9.17
CA LYS K 27 -18.43 22.86 -10.37
C LYS K 27 -19.67 21.97 -10.49
N GLN K 28 -19.57 20.72 -10.05
CA GLN K 28 -20.71 19.82 -10.11
C GLN K 28 -21.80 20.32 -9.17
N TYR K 29 -21.43 20.85 -8.00
CA TYR K 29 -22.40 21.37 -7.04
C TYR K 29 -23.08 22.67 -7.49
N LYS K 30 -22.39 23.45 -8.31
CA LYS K 30 -22.89 24.74 -8.76
C LYS K 30 -24.37 24.81 -9.15
N PRO K 31 -24.83 23.92 -10.02
CA PRO K 31 -26.25 23.95 -10.42
C PRO K 31 -27.16 23.65 -9.23
N LEU K 32 -26.81 22.62 -8.49
CA LEU K 32 -27.59 22.23 -7.34
C LEU K 32 -27.65 23.37 -6.34
N LEU K 33 -26.50 24.02 -6.11
CA LEU K 33 -26.45 25.11 -5.16
C LEU K 33 -27.08 26.40 -5.64
N ASP K 34 -27.02 26.65 -6.94
CA ASP K 34 -27.62 27.86 -7.48
C ASP K 34 -29.11 27.84 -7.11
N LYS K 35 -29.68 26.64 -7.12
CA LYS K 35 -31.10 26.46 -6.83
C LYS K 35 -31.46 26.83 -5.38
N LEU K 36 -30.46 27.04 -4.54
CA LEU K 36 -30.70 27.39 -3.14
C LEU K 36 -30.09 28.74 -2.84
N ASN K 37 -29.62 29.41 -3.90
CA ASN K 37 -28.99 30.73 -3.81
C ASN K 37 -27.84 30.88 -2.82
N ILE K 38 -26.96 29.89 -2.78
CA ILE K 38 -25.81 29.93 -1.90
C ILE K 38 -24.61 29.38 -2.64
N THR K 39 -23.40 29.74 -2.22
CA THR K 39 -22.19 29.23 -2.86
C THR K 39 -21.80 27.91 -2.20
N TYR K 40 -20.71 27.29 -2.64
CA TYR K 40 -20.27 26.02 -2.06
C TYR K 40 -19.81 26.20 -0.58
N PRO K 41 -18.97 27.22 -0.32
CA PRO K 41 -18.53 27.45 1.06
C PRO K 41 -19.66 27.74 2.04
N GLN K 42 -20.65 28.52 1.60
CA GLN K 42 -21.80 28.84 2.46
C GLN K 42 -22.54 27.55 2.79
N TYR K 43 -22.62 26.67 1.80
CA TYR K 43 -23.28 25.39 1.99
C TYR K 43 -22.54 24.56 3.04
N LEU K 44 -21.21 24.63 3.07
CA LEU K 44 -20.44 23.89 4.06
C LEU K 44 -20.74 24.49 5.43
N ALA K 45 -20.85 25.82 5.46
CA ALA K 45 -21.18 26.50 6.70
C ALA K 45 -22.52 25.96 7.20
N LEU K 46 -23.52 25.97 6.31
CA LEU K 46 -24.84 25.46 6.67
C LEU K 46 -24.81 23.99 7.15
N LEU K 47 -24.00 23.15 6.53
CA LEU K 47 -23.96 21.76 6.96
C LEU K 47 -23.65 21.70 8.45
N LEU K 48 -22.71 22.54 8.89
CA LEU K 48 -22.35 22.59 10.30
C LEU K 48 -23.52 23.11 11.11
N LEU K 49 -24.08 24.23 10.69
CA LEU K 49 -25.19 24.83 11.43
C LEU K 49 -26.43 23.94 11.52
N TRP K 50 -26.65 23.09 10.53
CA TRP K 50 -27.81 22.22 10.60
C TRP K 50 -27.60 21.09 11.59
N GLU K 51 -26.35 20.86 11.97
CA GLU K 51 -26.10 19.81 12.95
C GLU K 51 -25.99 20.42 14.34
N HIS K 52 -25.58 21.68 14.41
CA HIS K 52 -25.44 22.39 15.68
C HIS K 52 -26.05 23.78 15.50
N GLU K 53 -27.36 23.88 15.70
CA GLU K 53 -28.09 25.15 15.54
C GLU K 53 -27.25 26.42 15.76
N THR K 54 -26.41 26.42 16.79
CA THR K 54 -25.58 27.58 17.10
C THR K 54 -24.11 27.20 17.25
N LEU K 55 -23.22 28.05 16.72
CA LEU K 55 -21.77 27.84 16.78
C LEU K 55 -21.08 29.19 16.84
N THR K 56 -19.88 29.23 17.42
CA THR K 56 -19.10 30.47 17.50
C THR K 56 -18.29 30.48 16.22
N VAL K 57 -17.93 31.66 15.76
CA VAL K 57 -17.14 31.78 14.56
C VAL K 57 -15.87 30.92 14.73
N LYS K 58 -15.20 31.06 15.86
CA LYS K 58 -13.98 30.28 16.09
C LYS K 58 -14.17 28.83 15.72
N LYS K 59 -15.18 28.20 16.31
CA LYS K 59 -15.51 26.81 16.04
C LYS K 59 -15.71 26.57 14.55
N MET K 60 -16.50 27.42 13.90
CA MET K 60 -16.74 27.23 12.47
C MET K 60 -15.41 27.20 11.69
N GLY K 61 -14.49 28.08 12.06
CA GLY K 61 -13.19 28.10 11.42
C GLY K 61 -12.47 26.78 11.57
N GLU K 62 -12.41 26.26 12.80
CA GLU K 62 -11.76 24.99 13.06
C GLU K 62 -12.31 23.87 12.18
N GLN K 63 -13.61 23.62 12.29
CA GLN K 63 -14.24 22.55 11.51
C GLN K 63 -14.07 22.74 10.01
N LEU K 64 -14.00 23.98 9.57
CA LEU K 64 -13.88 24.24 8.13
C LEU K 64 -12.45 24.53 7.64
N TYR K 65 -11.49 24.55 8.54
CA TYR K 65 -10.13 24.87 8.17
C TYR K 65 -10.06 26.25 7.48
N LEU K 66 -10.86 27.20 7.96
CA LEU K 66 -10.88 28.56 7.44
C LEU K 66 -10.73 29.49 8.63
N ASP K 67 -10.54 30.79 8.40
CA ASP K 67 -10.41 31.74 9.50
C ASP K 67 -11.23 33.02 9.26
N SER K 68 -11.26 33.92 10.24
CA SER K 68 -12.04 35.14 10.13
C SER K 68 -11.78 35.90 8.83
N GLY K 69 -10.59 35.72 8.26
CA GLY K 69 -10.28 36.43 7.04
C GLY K 69 -11.24 36.05 5.95
N THR K 70 -11.78 34.84 6.06
CA THR K 70 -12.72 34.30 5.10
C THR K 70 -14.12 34.29 5.70
N LEU K 71 -14.25 33.75 6.90
CA LEU K 71 -15.56 33.68 7.54
C LEU K 71 -16.26 35.00 7.82
N THR K 72 -15.51 36.05 8.13
CA THR K 72 -16.16 37.32 8.45
C THR K 72 -16.96 37.86 7.26
N PRO K 73 -16.33 38.00 6.09
CA PRO K 73 -17.09 38.51 4.93
C PRO K 73 -18.19 37.52 4.50
N MET K 74 -17.84 36.23 4.46
CA MET K 74 -18.79 35.21 4.06
C MET K 74 -20.04 35.15 4.95
N LEU K 75 -19.84 35.05 6.27
CA LEU K 75 -20.97 35.00 7.22
C LEU K 75 -21.80 36.28 7.11
N LYS K 76 -21.16 37.38 6.73
CA LYS K 76 -21.85 38.64 6.57
C LYS K 76 -22.88 38.48 5.43
N ARG K 77 -22.45 37.95 4.29
CA ARG K 77 -23.37 37.77 3.16
C ARG K 77 -24.54 36.90 3.58
N MET K 78 -24.26 35.77 4.23
CA MET K 78 -25.31 34.87 4.69
C MET K 78 -26.32 35.57 5.63
N GLU K 79 -25.86 36.53 6.43
CA GLU K 79 -26.74 37.25 7.33
C GLU K 79 -27.66 38.13 6.49
N GLN K 80 -27.06 38.92 5.60
CA GLN K 80 -27.79 39.81 4.73
C GLN K 80 -28.82 39.02 3.91
N GLN K 81 -28.46 37.77 3.60
CA GLN K 81 -29.32 36.88 2.81
C GLN K 81 -30.38 36.23 3.69
N GLY K 82 -30.37 36.57 4.97
CA GLY K 82 -31.36 36.03 5.90
C GLY K 82 -31.30 34.58 6.35
N LEU K 83 -30.14 33.93 6.24
CA LEU K 83 -29.99 32.52 6.65
C LEU K 83 -29.42 32.37 8.07
N ILE K 84 -28.81 33.42 8.59
CA ILE K 84 -28.21 33.36 9.92
C ILE K 84 -28.23 34.68 10.67
N THR K 85 -28.22 34.60 12.00
CA THR K 85 -28.17 35.79 12.81
C THR K 85 -26.82 35.79 13.51
N ARG K 86 -26.32 36.98 13.82
CA ARG K 86 -25.03 37.13 14.51
C ARG K 86 -25.15 38.07 15.72
N LYS K 87 -24.77 37.59 16.89
CA LYS K 87 -24.79 38.43 18.09
C LYS K 87 -23.53 38.15 18.90
N ARG K 88 -22.96 39.19 19.50
CA ARG K 88 -21.74 39.06 20.29
C ARG K 88 -21.95 38.05 21.41
N SER K 89 -20.95 37.22 21.68
CA SER K 89 -21.06 36.20 22.71
C SER K 89 -21.19 36.75 24.13
N GLU K 90 -22.12 36.15 24.88
CA GLU K 90 -22.40 36.51 26.26
C GLU K 90 -21.25 36.00 27.15
N GLU K 91 -20.85 34.76 26.90
CA GLU K 91 -19.76 34.12 27.63
C GLU K 91 -18.45 34.89 27.49
N ASP K 92 -17.94 34.95 26.25
CA ASP K 92 -16.68 35.64 25.95
C ASP K 92 -16.94 36.74 24.92
N GLU K 93 -17.02 37.98 25.39
CA GLU K 93 -17.30 39.13 24.53
C GLU K 93 -16.38 39.28 23.31
N ARG K 94 -15.33 38.47 23.26
CA ARG K 94 -14.42 38.52 22.13
C ARG K 94 -14.93 37.71 20.95
N SER K 95 -15.72 36.68 21.24
CA SER K 95 -16.24 35.79 20.21
C SER K 95 -17.65 36.13 19.76
N VAL K 96 -18.01 35.63 18.57
CA VAL K 96 -19.32 35.85 18.02
C VAL K 96 -20.09 34.55 17.87
N LEU K 97 -21.37 34.62 18.17
CA LEU K 97 -22.23 33.46 18.07
C LEU K 97 -23.02 33.53 16.78
N ILE K 98 -22.93 32.45 16.01
CA ILE K 98 -23.65 32.37 14.75
C ILE K 98 -24.78 31.34 14.91
N SER K 99 -26.00 31.77 14.59
CA SER K 99 -27.17 30.89 14.69
C SER K 99 -28.01 30.92 13.44
N LEU K 100 -28.66 29.81 13.14
CA LEU K 100 -29.54 29.69 11.98
C LEU K 100 -30.82 30.49 12.15
N THR K 101 -31.39 30.95 11.04
CA THR K 101 -32.66 31.66 11.10
C THR K 101 -33.69 30.63 10.69
N GLU K 102 -34.97 30.90 10.94
CA GLU K 102 -35.98 29.95 10.52
C GLU K 102 -35.80 29.70 9.02
N ASP K 103 -35.48 30.74 8.25
CA ASP K 103 -35.28 30.56 6.81
C ASP K 103 -34.07 29.71 6.45
N GLY K 104 -32.97 29.91 7.17
CA GLY K 104 -31.77 29.13 6.89
C GLY K 104 -31.96 27.69 7.30
N ALA K 105 -32.79 27.48 8.31
CA ALA K 105 -33.06 26.14 8.82
C ALA K 105 -33.99 25.43 7.83
N LEU K 106 -35.06 26.12 7.46
CA LEU K 106 -36.00 25.56 6.50
C LEU K 106 -35.27 25.23 5.21
N LEU K 107 -34.23 26.00 4.91
CA LEU K 107 -33.46 25.80 3.69
C LEU K 107 -32.79 24.44 3.61
N LYS K 108 -32.58 23.80 4.75
CA LYS K 108 -31.95 22.48 4.73
C LYS K 108 -32.73 21.55 3.81
N GLU K 109 -34.06 21.62 3.90
CA GLU K 109 -34.93 20.79 3.08
C GLU K 109 -34.50 20.81 1.64
N LYS K 110 -34.38 21.99 1.06
CA LYS K 110 -33.98 22.12 -0.33
C LYS K 110 -32.57 21.57 -0.59
N ALA K 111 -31.93 21.08 0.46
CA ALA K 111 -30.57 20.55 0.34
C ALA K 111 -30.47 19.05 0.68
N VAL K 112 -31.60 18.43 0.97
CA VAL K 112 -31.64 17.01 1.32
C VAL K 112 -31.18 16.10 0.19
N ASP K 113 -31.39 16.52 -1.04
CA ASP K 113 -31.01 15.71 -2.21
C ASP K 113 -29.69 16.10 -2.86
N ILE K 114 -28.86 16.89 -2.21
CA ILE K 114 -27.61 17.30 -2.82
C ILE K 114 -26.59 16.15 -2.80
N PRO K 115 -26.30 15.60 -1.63
CA PRO K 115 -25.33 14.51 -1.54
C PRO K 115 -25.67 13.36 -2.49
N GLY K 116 -26.94 13.01 -2.58
CA GLY K 116 -27.35 11.92 -3.45
C GLY K 116 -27.03 12.24 -4.90
N THR K 117 -27.41 13.43 -5.35
CA THR K 117 -27.13 13.82 -6.72
C THR K 117 -25.63 13.71 -7.00
N ILE K 118 -24.79 14.26 -6.12
CA ILE K 118 -23.35 14.21 -6.33
C ILE K 118 -22.88 12.76 -6.38
N LEU K 119 -23.36 11.96 -5.44
CA LEU K 119 -22.98 10.56 -5.40
C LEU K 119 -23.26 9.97 -6.77
N GLY K 120 -24.43 10.26 -7.30
CA GLY K 120 -24.81 9.76 -8.62
C GLY K 120 -23.95 10.32 -9.72
N LEU K 121 -22.76 10.78 -9.35
CA LEU K 121 -21.80 11.34 -10.29
C LEU K 121 -20.41 10.84 -9.89
N SER K 122 -20.08 11.02 -8.62
CA SER K 122 -18.79 10.60 -8.08
C SER K 122 -18.67 9.09 -8.09
N LYS K 123 -19.78 8.41 -7.77
CA LYS K 123 -19.82 6.96 -7.76
C LYS K 123 -19.81 6.41 -9.18
N GLN K 124 -19.94 7.32 -10.14
CA GLN K 124 -19.97 6.95 -11.54
C GLN K 124 -18.68 6.28 -12.01
N SER K 125 -17.74 6.07 -11.10
CA SER K 125 -16.48 5.41 -11.41
C SER K 125 -16.28 4.19 -10.51
N GLY K 126 -15.04 3.95 -10.11
CA GLY K 126 -14.74 2.83 -9.22
C GLY K 126 -14.84 3.41 -7.84
N GLU K 127 -16.02 3.96 -7.54
CA GLU K 127 -16.29 4.60 -6.26
C GLU K 127 -15.91 3.86 -5.00
N ASP K 128 -14.61 3.61 -4.80
CA ASP K 128 -14.20 2.96 -3.57
C ASP K 128 -14.14 4.11 -2.58
N LEU K 129 -14.97 5.11 -2.86
CA LEU K 129 -15.09 6.32 -2.07
C LEU K 129 -14.78 6.13 -0.59
N LYS K 130 -15.14 4.98 -0.04
CA LYS K 130 -14.86 4.71 1.37
C LYS K 130 -13.35 4.77 1.54
N GLN K 131 -12.64 4.06 0.65
CA GLN K 131 -11.19 4.05 0.69
C GLN K 131 -10.70 5.46 0.44
N LEU K 132 -11.27 6.11 -0.58
CA LEU K 132 -10.87 7.47 -0.92
C LEU K 132 -11.09 8.39 0.28
N LYS K 133 -12.35 8.46 0.71
CA LYS K 133 -12.72 9.28 1.87
C LYS K 133 -11.72 9.06 2.99
N SER K 134 -11.42 7.79 3.24
CA SER K 134 -10.49 7.44 4.31
C SER K 134 -9.13 8.07 4.11
N ALA K 135 -8.54 7.89 2.94
CA ALA K 135 -7.22 8.45 2.68
C ALA K 135 -7.19 9.92 3.03
N LEU K 136 -8.12 10.67 2.44
CA LEU K 136 -8.20 12.10 2.66
C LEU K 136 -8.17 12.49 4.15
N TYR K 137 -8.95 11.78 4.98
CA TYR K 137 -8.95 12.07 6.41
C TYR K 137 -7.56 12.00 7.02
N THR K 138 -6.85 10.92 6.72
CA THR K 138 -5.52 10.74 7.27
C THR K 138 -4.57 11.80 6.74
N LEU K 139 -4.61 12.02 5.42
CA LEU K 139 -3.76 13.00 4.78
C LEU K 139 -4.01 14.30 5.47
N LEU K 140 -5.27 14.68 5.45
CA LEU K 140 -5.75 15.90 6.06
C LEU K 140 -5.21 16.10 7.47
N GLU K 141 -5.15 15.02 8.26
CA GLU K 141 -4.66 15.08 9.65
C GLU K 141 -3.18 15.39 9.68
N THR K 142 -2.44 14.80 8.73
CA THR K 142 -1.01 15.04 8.66
C THR K 142 -0.78 16.46 8.15
N LEU K 143 -1.47 16.83 7.06
CA LEU K 143 -1.31 18.17 6.52
C LEU K 143 -1.77 19.21 7.54
N HIS K 144 -2.68 18.80 8.42
CA HIS K 144 -3.21 19.69 9.47
C HIS K 144 -2.10 20.12 10.42
N HIS L 7 -26.04 12.22 9.83
CA HIS L 7 -26.99 12.65 8.76
C HIS L 7 -26.24 13.17 7.53
N MET L 8 -26.05 14.49 7.49
CA MET L 8 -25.31 15.14 6.41
C MET L 8 -24.15 15.82 7.12
N LYS L 9 -23.43 15.09 7.96
CA LYS L 9 -22.32 15.72 8.68
C LYS L 9 -21.28 16.23 7.72
N LEU L 10 -20.78 17.43 7.99
CA LEU L 10 -19.75 18.05 7.15
C LEU L 10 -18.61 17.06 6.93
N GLU L 11 -18.11 16.49 8.01
CA GLU L 11 -17.02 15.56 7.96
C GLU L 11 -17.14 14.46 6.90
N ASN L 12 -18.35 13.89 6.78
CA ASN L 12 -18.59 12.79 5.85
C ASN L 12 -18.85 13.18 4.38
N GLN L 13 -18.31 14.32 3.96
CA GLN L 13 -18.50 14.74 2.58
C GLN L 13 -17.17 14.63 1.83
N LEU L 14 -17.18 13.85 0.76
CA LEU L 14 -15.97 13.71 -0.02
C LEU L 14 -15.56 15.11 -0.43
N SER L 15 -16.52 15.85 -0.99
CA SER L 15 -16.25 17.21 -1.45
C SER L 15 -15.55 18.03 -0.38
N PHE L 16 -16.03 17.95 0.85
CA PHE L 16 -15.41 18.71 1.92
C PHE L 16 -13.98 18.30 2.08
N LEU L 17 -13.75 16.99 2.12
CA LEU L 17 -12.40 16.45 2.26
C LEU L 17 -11.48 16.89 1.13
N LEU L 18 -11.95 16.84 -0.10
CA LEU L 18 -11.10 17.27 -1.21
C LEU L 18 -10.76 18.75 -1.04
N TYR L 19 -11.79 19.55 -0.84
CA TYR L 19 -11.64 20.99 -0.66
C TYR L 19 -10.72 21.38 0.48
N ALA L 20 -10.93 20.81 1.67
CA ALA L 20 -10.10 21.12 2.84
C ALA L 20 -8.68 20.62 2.64
N SER L 21 -8.59 19.36 2.27
CA SER L 21 -7.29 18.72 2.05
C SER L 21 -6.45 19.55 1.08
N SER L 22 -7.06 20.03 0.00
CA SER L 22 -6.31 20.82 -0.96
C SER L 22 -5.78 22.14 -0.38
N ARG L 23 -6.49 22.71 0.60
CA ARG L 23 -6.01 23.94 1.22
C ARG L 23 -4.89 23.69 2.25
N GLU L 24 -4.94 22.57 2.98
CA GLU L 24 -3.87 22.28 3.92
C GLU L 24 -2.60 21.93 3.14
N MET L 25 -2.78 21.41 1.91
CA MET L 25 -1.64 21.10 1.08
C MET L 25 -0.97 22.42 0.66
N THR L 26 -1.76 23.35 0.13
CA THR L 26 -1.25 24.66 -0.29
C THR L 26 -0.49 25.27 0.90
N LYS L 27 -1.08 25.17 2.09
CA LYS L 27 -0.46 25.67 3.30
C LYS L 27 0.95 25.06 3.49
N GLN L 28 1.13 23.79 3.14
CA GLN L 28 2.45 23.19 3.28
C GLN L 28 3.42 23.76 2.24
N TYR L 29 2.89 24.17 1.09
CA TYR L 29 3.77 24.72 0.07
C TYR L 29 4.21 26.13 0.39
N LYS L 30 3.34 26.90 1.04
CA LYS L 30 3.64 28.30 1.31
C LYS L 30 5.08 28.64 1.70
N PRO L 31 5.62 27.97 2.72
CA PRO L 31 7.00 28.31 3.06
C PRO L 31 7.95 28.14 1.89
N LEU L 32 7.85 27.01 1.20
CA LEU L 32 8.72 26.71 0.07
C LEU L 32 8.58 27.71 -1.05
N LEU L 33 7.34 27.99 -1.46
CA LEU L 33 7.10 28.93 -2.55
C LEU L 33 7.38 30.39 -2.21
N ASP L 34 7.42 30.73 -0.92
CA ASP L 34 7.71 32.12 -0.58
C ASP L 34 9.21 32.34 -0.78
N LYS L 35 9.96 31.25 -0.79
CA LYS L 35 11.39 31.32 -1.01
C LYS L 35 11.61 31.57 -2.50
N LEU L 36 10.54 31.45 -3.28
CA LEU L 36 10.63 31.69 -4.73
C LEU L 36 9.77 32.87 -5.15
N ASN L 37 9.10 33.50 -4.19
CA ASN L 37 8.24 34.63 -4.48
C ASN L 37 7.13 34.40 -5.51
N ILE L 38 6.49 33.24 -5.44
CA ILE L 38 5.40 32.93 -6.34
C ILE L 38 4.33 32.26 -5.49
N THR L 39 3.12 32.18 -6.04
CA THR L 39 2.01 31.53 -5.33
C THR L 39 1.94 30.10 -5.82
N TYR L 40 1.05 29.32 -5.22
CA TYR L 40 0.88 27.94 -5.63
C TYR L 40 0.35 27.81 -7.07
N PRO L 41 -0.58 28.68 -7.47
CA PRO L 41 -1.07 28.55 -8.85
C PRO L 41 -0.04 28.97 -9.87
N GLN L 42 0.80 29.93 -9.51
CA GLN L 42 1.85 30.38 -10.42
C GLN L 42 2.84 29.25 -10.57
N TYR L 43 3.11 28.57 -9.45
CA TYR L 43 4.02 27.43 -9.44
C TYR L 43 3.54 26.37 -10.43
N LEU L 44 2.26 25.98 -10.38
CA LEU L 44 1.75 25.00 -11.34
C LEU L 44 2.01 25.47 -12.77
N ALA L 45 1.57 26.67 -13.11
CA ALA L 45 1.78 27.20 -14.45
C ALA L 45 3.26 27.03 -14.81
N LEU L 46 4.13 27.36 -13.86
CA LEU L 46 5.56 27.23 -14.07
C LEU L 46 5.92 25.76 -14.36
N LEU L 47 5.29 24.83 -13.65
CA LEU L 47 5.56 23.41 -13.88
C LEU L 47 5.30 23.08 -15.34
N LEU L 48 4.31 23.75 -15.93
CA LEU L 48 4.00 23.51 -17.32
C LEU L 48 5.07 24.15 -18.19
N LEU L 49 5.42 25.39 -17.90
CA LEU L 49 6.43 26.08 -18.69
C LEU L 49 7.81 25.42 -18.66
N TRP L 50 8.23 24.90 -17.51
CA TRP L 50 9.55 24.27 -17.42
C TRP L 50 9.61 22.99 -18.24
N GLU L 51 8.47 22.42 -18.58
CA GLU L 51 8.44 21.20 -19.37
C GLU L 51 8.13 21.47 -20.84
N HIS L 52 7.56 22.64 -21.14
CA HIS L 52 7.23 23.01 -22.52
C HIS L 52 7.52 24.50 -22.69
N GLU L 53 8.74 24.82 -23.12
CA GLU L 53 9.18 26.20 -23.31
C GLU L 53 8.07 27.24 -23.54
N THR L 54 7.27 27.06 -24.59
CA THR L 54 6.19 28.00 -24.89
C THR L 54 4.83 27.32 -24.83
N LEU L 55 3.84 28.05 -24.35
CA LEU L 55 2.50 27.50 -24.22
C LEU L 55 1.42 28.53 -24.47
N THR L 56 0.32 28.05 -25.01
CA THR L 56 -0.81 28.90 -25.29
C THR L 56 -1.60 29.10 -24.00
N VAL L 57 -2.29 30.22 -23.92
CA VAL L 57 -3.10 30.53 -22.75
C VAL L 57 -4.14 29.44 -22.57
N LYS L 58 -4.94 29.20 -23.62
CA LYS L 58 -5.98 28.18 -23.56
C LYS L 58 -5.44 26.77 -23.28
N LYS L 59 -4.29 26.44 -23.84
CA LYS L 59 -3.71 25.13 -23.62
C LYS L 59 -3.32 25.04 -22.15
N MET L 60 -2.78 26.13 -21.62
CA MET L 60 -2.39 26.16 -20.20
C MET L 60 -3.66 25.97 -19.35
N GLY L 61 -4.73 26.69 -19.71
CA GLY L 61 -5.99 26.55 -18.99
C GLY L 61 -6.52 25.12 -19.04
N GLU L 62 -6.39 24.49 -20.21
CA GLU L 62 -6.84 23.12 -20.37
C GLU L 62 -6.14 22.17 -19.40
N GLN L 63 -4.83 22.30 -19.30
CA GLN L 63 -4.03 21.47 -18.40
C GLN L 63 -4.35 21.77 -16.94
N LEU L 64 -4.33 23.06 -16.58
CA LEU L 64 -4.60 23.51 -15.21
C LEU L 64 -6.09 23.45 -14.85
N TYR L 65 -6.94 23.22 -15.84
CA TYR L 65 -8.38 23.17 -15.59
C TYR L 65 -8.87 24.53 -15.17
N LEU L 66 -8.29 25.58 -15.73
CA LEU L 66 -8.71 26.93 -15.41
C LEU L 66 -9.14 27.62 -16.70
N ASP L 67 -9.52 28.89 -16.60
CA ASP L 67 -9.85 29.63 -17.79
C ASP L 67 -9.35 31.04 -17.61
N SER L 68 -9.39 31.82 -18.67
CA SER L 68 -8.99 33.22 -18.58
C SER L 68 -9.93 33.70 -17.48
N GLY L 69 -9.62 34.78 -16.81
CA GLY L 69 -10.54 35.16 -15.75
C GLY L 69 -9.76 34.85 -14.50
N THR L 70 -8.93 33.82 -14.60
CA THR L 70 -8.04 33.47 -13.52
C THR L 70 -6.68 33.53 -14.19
N LEU L 71 -6.58 32.93 -15.38
CA LEU L 71 -5.31 32.91 -16.11
C LEU L 71 -4.79 34.25 -16.63
N THR L 72 -5.66 35.13 -17.11
CA THR L 72 -5.18 36.41 -17.61
C THR L 72 -4.59 37.30 -16.52
N PRO L 73 -5.26 37.44 -15.36
CA PRO L 73 -4.66 38.29 -14.34
C PRO L 73 -3.41 37.65 -13.75
N MET L 74 -3.41 36.32 -13.61
CA MET L 74 -2.27 35.60 -13.04
C MET L 74 -1.09 35.71 -14.00
N LEU L 75 -1.33 35.44 -15.28
CA LEU L 75 -0.27 35.55 -16.28
C LEU L 75 0.25 36.96 -16.31
N LYS L 76 -0.61 37.94 -16.01
CA LYS L 76 -0.18 39.34 -15.99
C LYS L 76 0.68 39.65 -14.75
N ARG L 77 0.32 39.09 -13.60
CA ARG L 77 1.14 39.32 -12.42
C ARG L 77 2.51 38.69 -12.62
N MET L 78 2.52 37.46 -13.17
CA MET L 78 3.76 36.74 -13.39
C MET L 78 4.67 37.49 -14.36
N GLU L 79 4.06 38.24 -15.27
CA GLU L 79 4.88 38.98 -16.22
C GLU L 79 5.47 40.16 -15.47
N GLN L 80 4.62 40.89 -14.77
CA GLN L 80 5.05 42.03 -13.99
C GLN L 80 6.20 41.58 -13.09
N GLN L 81 6.18 40.31 -12.72
CA GLN L 81 7.23 39.75 -11.87
C GLN L 81 8.49 39.38 -12.67
N GLY L 82 8.37 39.31 -13.99
CA GLY L 82 9.52 38.98 -14.82
C GLY L 82 9.79 37.50 -15.11
N LEU L 83 8.83 36.64 -14.78
CA LEU L 83 8.99 35.21 -14.99
C LEU L 83 8.56 34.76 -16.37
N ILE L 84 7.79 35.59 -17.08
CA ILE L 84 7.32 35.19 -18.41
C ILE L 84 7.01 36.37 -19.31
N THR L 85 6.78 36.07 -20.58
CA THR L 85 6.40 37.11 -21.53
C THR L 85 5.10 36.71 -22.22
N ARG L 86 4.42 37.69 -22.82
CA ARG L 86 3.16 37.45 -23.50
C ARG L 86 3.15 38.12 -24.87
N LYS L 87 2.96 37.33 -25.91
CA LYS L 87 2.91 37.86 -27.26
C LYS L 87 1.74 37.22 -28.00
N ARG L 88 1.07 38.00 -28.84
CA ARG L 88 -0.04 37.50 -29.62
C ARG L 88 0.57 36.59 -30.67
N SER L 89 -0.09 35.49 -31.00
CA SER L 89 0.41 34.59 -32.02
C SER L 89 0.08 35.17 -33.37
N GLU L 90 0.98 35.00 -34.34
CA GLU L 90 0.73 35.52 -35.67
C GLU L 90 0.06 34.46 -36.52
N GLU L 91 -0.07 33.28 -35.93
CA GLU L 91 -0.71 32.14 -36.59
C GLU L 91 -2.23 32.24 -36.43
N ASP L 92 -2.67 32.73 -35.28
CA ASP L 92 -4.09 32.85 -34.99
C ASP L 92 -4.48 34.26 -34.58
N GLU L 93 -3.50 35.06 -34.15
CA GLU L 93 -3.79 36.44 -33.75
C GLU L 93 -4.86 36.54 -32.67
N ARG L 94 -5.51 35.43 -32.36
CA ARG L 94 -6.51 35.41 -31.31
C ARG L 94 -5.83 34.81 -30.10
N SER L 95 -4.88 33.92 -30.37
CA SER L 95 -4.16 33.25 -29.32
C SER L 95 -2.98 34.06 -28.79
N VAL L 96 -2.75 33.93 -27.50
CA VAL L 96 -1.65 34.61 -26.84
C VAL L 96 -0.67 33.52 -26.45
N LEU L 97 0.60 33.77 -26.63
CA LEU L 97 1.62 32.78 -26.27
C LEU L 97 2.37 33.14 -25.01
N ILE L 98 2.49 32.17 -24.12
CA ILE L 98 3.19 32.36 -22.87
C ILE L 98 4.60 31.79 -22.94
N SER L 99 5.60 32.66 -22.81
CA SER L 99 6.96 32.18 -22.87
C SER L 99 7.68 32.51 -21.57
N LEU L 100 8.59 31.62 -21.20
CA LEU L 100 9.40 31.79 -20.02
C LEU L 100 10.56 32.72 -20.36
N THR L 101 11.08 33.43 -19.35
CA THR L 101 12.20 34.35 -19.53
C THR L 101 13.38 33.79 -18.78
N GLU L 102 14.52 34.48 -18.86
CA GLU L 102 15.72 34.03 -18.17
C GLU L 102 15.39 33.62 -16.74
N ASP L 103 14.96 34.60 -15.93
CA ASP L 103 14.61 34.36 -14.53
C ASP L 103 13.55 33.29 -14.40
N GLY L 104 12.58 33.31 -15.30
CA GLY L 104 11.53 32.32 -15.25
C GLY L 104 12.14 30.93 -15.33
N ALA L 105 13.18 30.80 -16.16
CA ALA L 105 13.84 29.52 -16.33
C ALA L 105 14.83 29.24 -15.21
N LEU L 106 15.50 30.29 -14.72
CA LEU L 106 16.48 30.15 -13.66
C LEU L 106 15.82 29.72 -12.37
N LEU L 107 14.56 30.11 -12.20
CA LEU L 107 13.81 29.80 -10.99
C LEU L 107 13.60 28.31 -10.77
N LYS L 108 13.54 27.54 -11.83
CA LYS L 108 13.35 26.10 -11.73
C LYS L 108 14.46 25.49 -10.87
N GLU L 109 15.64 26.10 -10.95
CA GLU L 109 16.80 25.65 -10.19
C GLU L 109 16.51 25.59 -8.71
N LYS L 110 15.55 26.39 -8.27
CA LYS L 110 15.20 26.45 -6.86
C LYS L 110 13.92 25.72 -6.48
N ALA L 111 13.34 25.01 -7.44
CA ALA L 111 12.10 24.30 -7.15
C ALA L 111 12.25 22.79 -7.11
N VAL L 112 13.46 22.31 -7.38
CA VAL L 112 13.73 20.86 -7.42
C VAL L 112 13.53 20.11 -6.10
N ASP L 113 13.71 20.79 -4.97
CA ASP L 113 13.51 20.16 -3.68
C ASP L 113 12.03 20.15 -3.26
N ILE L 114 11.21 20.92 -3.97
CA ILE L 114 9.79 21.03 -3.64
C ILE L 114 9.04 19.69 -3.59
N PRO L 115 8.96 18.96 -4.72
CA PRO L 115 8.27 17.67 -4.70
C PRO L 115 8.79 16.71 -3.64
N GLY L 116 10.11 16.67 -3.52
CA GLY L 116 10.71 15.79 -2.54
C GLY L 116 10.29 16.12 -1.13
N THR L 117 10.31 17.41 -0.78
CA THR L 117 9.96 17.86 0.56
C THR L 117 8.49 17.59 0.87
N ILE L 118 7.65 17.78 -0.14
CA ILE L 118 6.21 17.59 0.02
C ILE L 118 5.85 16.13 0.26
N LEU L 119 6.31 15.26 -0.63
CA LEU L 119 6.01 13.83 -0.52
C LEU L 119 6.47 13.30 0.84
N GLY L 120 7.58 13.83 1.34
CA GLY L 120 8.07 13.41 2.62
C GLY L 120 7.15 13.87 3.73
N LEU L 121 6.48 14.98 3.47
CA LEU L 121 5.55 15.56 4.43
C LEU L 121 4.29 14.69 4.55
N SER L 122 4.13 13.78 3.60
CA SER L 122 2.99 12.88 3.59
C SER L 122 3.33 11.50 4.13
N LYS L 123 3.87 11.45 5.34
CA LYS L 123 4.21 10.18 5.97
C LYS L 123 3.01 9.80 6.82
N GLN L 124 1.84 10.21 6.36
CA GLN L 124 0.58 9.94 7.04
C GLN L 124 0.38 8.44 7.21
N SER L 125 0.56 7.98 8.44
CA SER L 125 0.41 6.56 8.80
C SER L 125 0.92 5.57 7.75
N GLY L 126 1.67 6.09 6.77
CA GLY L 126 2.19 5.23 5.71
C GLY L 126 1.08 4.83 4.76
N GLU L 127 0.46 5.82 4.12
CA GLU L 127 -0.62 5.55 3.18
C GLU L 127 -0.15 5.46 1.74
N ASP L 128 -0.88 4.67 0.96
CA ASP L 128 -0.53 4.45 -0.43
C ASP L 128 -0.85 5.65 -1.31
N LEU L 129 0.00 6.67 -1.22
CA LEU L 129 -0.19 7.88 -2.00
C LEU L 129 -0.29 7.56 -3.49
N LYS L 130 0.04 6.32 -3.85
CA LYS L 130 -0.05 5.91 -5.25
C LYS L 130 -1.49 5.51 -5.59
N GLN L 131 -2.14 4.84 -4.65
CA GLN L 131 -3.52 4.40 -4.83
C GLN L 131 -4.42 5.63 -4.79
N LEU L 132 -4.01 6.61 -3.97
CA LEU L 132 -4.76 7.85 -3.82
C LEU L 132 -4.76 8.61 -5.14
N LYS L 133 -3.57 8.89 -5.64
CA LYS L 133 -3.41 9.58 -6.91
C LYS L 133 -4.30 8.93 -7.96
N SER L 134 -4.12 7.62 -8.12
CA SER L 134 -4.89 6.88 -9.10
C SER L 134 -6.38 7.14 -8.91
N ALA L 135 -6.82 7.15 -7.65
CA ALA L 135 -8.23 7.39 -7.38
C ALA L 135 -8.64 8.78 -7.89
N LEU L 136 -7.78 9.77 -7.65
CA LEU L 136 -8.04 11.15 -8.07
C LEU L 136 -8.05 11.32 -9.59
N TYR L 137 -7.24 10.55 -10.30
CA TYR L 137 -7.22 10.64 -11.76
C TYR L 137 -8.61 10.44 -12.33
N THR L 138 -9.19 9.27 -12.07
CA THR L 138 -10.50 8.93 -12.58
C THR L 138 -11.61 9.80 -12.04
N LEU L 139 -11.52 10.16 -10.76
CA LEU L 139 -12.54 11.03 -10.18
C LEU L 139 -12.52 12.29 -11.02
N LEU L 140 -11.31 12.81 -11.19
CA LEU L 140 -11.10 14.02 -11.97
C LEU L 140 -11.58 13.91 -13.40
N GLU L 141 -11.50 12.72 -14.00
CA GLU L 141 -11.92 12.50 -15.38
C GLU L 141 -13.44 12.39 -15.46
N THR L 142 -14.04 11.92 -14.37
CA THR L 142 -15.47 11.75 -14.25
C THR L 142 -16.20 13.10 -14.27
N LEU L 143 -15.85 13.97 -13.33
CA LEU L 143 -16.48 15.29 -13.18
C LEU L 143 -16.06 16.30 -14.25
N HIS L 144 -16.31 16.00 -15.52
CA HIS L 144 -15.95 16.91 -16.60
C HIS L 144 -17.19 17.53 -17.26
#